data_4HXY
#
_entry.id   4HXY
#
_cell.length_a   42.157
_cell.length_b   123.398
_cell.length_c   79.884
_cell.angle_alpha   90.00
_cell.angle_beta   90.27
_cell.angle_gamma   90.00
#
_symmetry.space_group_name_H-M   'P 1 21 1'
#
loop_
_entity.id
_entity.type
_entity.pdbx_description
1 polymer Plm1
2 non-polymer 'NADPH DIHYDRO-NICOTINAMIDE-ADENINE-DINUCLEOTIDE PHOSPHATE'
3 non-polymer '6-AMINOHEXANOIC ACID'
4 water water
#
_entity_poly.entity_id   1
_entity_poly.type   'polypeptide(L)'
_entity_poly.pdbx_seq_one_letter_code
;SNARTGWFSETWRQLGRAATADRVPGNWLLLGEVPPALGSLFDDPLTAASWDRSTAPDGVLVGAGAAEDLLAALHEVAGH
PTGPVWCVTSRAVGVGTVDDPAADVRAAGVWGLGRVAGLELPDRWGGLVDLPERIDDATRRALAGTLTDDGADDQDGEDQ
LAVRDGQLWARRLVTTPAPQTGTWTPKGTVLITGGTGGLGGHVARRVAEQGSADRILLLSRQGSAAPGATELLEGIRAFG
ATAEAVAVDVTDRAAMSGLIDALAAEGAPVRTVVHAAGVVRDVRIAETGAEELAAQMAAKVEGALLLDELLPDLDDFVLF
SSISGIWGAAGQAGYAAGNACLDALARRRREQGKRAVSVAWGPWAGGGMLTEHDERELRKRGLTPLLVPAALQAMEQAIM
SDRAGDPVVADVTWSRFLPAFTASRPSPLFGSFEEKAA
;
_entity_poly.pdbx_strand_id   A,B
#
# COMPACT_ATOMS: atom_id res chain seq x y z
N ARG A 4 -15.91 25.85 -24.43
CA ARG A 4 -15.85 24.36 -24.38
C ARG A 4 -15.06 23.94 -23.14
N THR A 5 -15.54 22.90 -22.45
CA THR A 5 -14.95 22.55 -21.18
C THR A 5 -13.69 21.76 -21.42
N GLY A 6 -12.56 22.24 -20.91
CA GLY A 6 -11.30 21.52 -21.04
C GLY A 6 -11.16 20.43 -20.00
N TRP A 7 -10.73 19.25 -20.44
CA TRP A 7 -10.43 18.10 -19.58
C TRP A 7 -8.97 17.77 -19.74
N PHE A 8 -8.27 17.69 -18.62
CA PHE A 8 -6.85 17.42 -18.62
C PHE A 8 -6.48 16.42 -17.55
N SER A 9 -5.27 15.86 -17.67
CA SER A 9 -4.73 14.93 -16.70
C SER A 9 -3.22 15.09 -16.61
N GLU A 10 -2.67 14.81 -15.43
CA GLU A 10 -1.26 14.56 -15.27
C GLU A 10 -0.87 13.30 -16.06
N THR A 11 0.31 13.34 -16.68
CA THR A 11 0.92 12.15 -17.24
C THR A 11 2.44 12.28 -17.09
N TRP A 12 3.19 11.25 -17.45
CA TRP A 12 4.63 11.20 -17.24
C TRP A 12 5.31 10.71 -18.50
N ARG A 13 6.40 11.38 -18.85
CA ARG A 13 7.23 11.06 -20.01
C ARG A 13 8.51 10.44 -19.53
N GLN A 14 8.82 9.24 -20.03
CA GLN A 14 10.08 8.61 -19.69
C GLN A 14 11.20 9.30 -20.46
N LEU A 15 12.22 9.80 -19.75
CA LEU A 15 13.33 10.51 -20.40
C LEU A 15 14.35 9.48 -20.87
N GLY A 16 15.03 9.76 -21.97
CA GLY A 16 15.93 8.78 -22.60
C GLY A 16 17.18 8.42 -21.80
N THR A 20 23.39 9.91 -15.62
CA THR A 20 23.60 9.32 -14.30
C THR A 20 25.08 9.39 -13.86
N ALA A 21 25.29 9.83 -12.62
CA ALA A 21 26.64 10.00 -12.05
C ALA A 21 26.80 9.15 -10.79
N ASP A 22 28.02 9.08 -10.27
CA ASP A 22 28.31 8.28 -9.05
C ASP A 22 28.36 9.13 -7.77
N ARG A 23 28.50 10.44 -7.95
CA ARG A 23 28.58 11.37 -6.83
C ARG A 23 28.15 12.74 -7.34
N VAL A 24 27.98 13.68 -6.41
CA VAL A 24 27.59 15.06 -6.77
C VAL A 24 28.69 15.98 -6.27
N PRO A 25 29.40 16.65 -7.18
CA PRO A 25 30.50 17.47 -6.72
C PRO A 25 30.02 18.79 -6.13
N GLY A 26 30.83 19.33 -5.23
CA GLY A 26 30.65 20.69 -4.74
C GLY A 26 30.32 20.74 -3.26
N ASN A 27 29.95 21.93 -2.82
CA ASN A 27 29.67 22.23 -1.44
C ASN A 27 28.15 22.37 -1.29
N TRP A 28 27.48 21.30 -0.88
CA TRP A 28 26.02 21.28 -0.82
C TRP A 28 25.49 21.43 0.59
N LEU A 29 24.33 22.06 0.68
CA LEU A 29 23.63 22.25 1.94
C LEU A 29 22.46 21.25 1.97
N LEU A 30 22.38 20.45 3.03
CA LEU A 30 21.34 19.45 3.13
C LEU A 30 20.39 19.88 4.23
N LEU A 31 19.10 19.95 3.89
CA LEU A 31 18.08 20.40 4.81
C LEU A 31 16.95 19.38 4.95
N GLY A 32 16.22 19.48 6.05
CA GLY A 32 15.11 18.57 6.30
C GLY A 32 15.68 17.24 6.71
N GLU A 33 15.17 16.17 6.10
CA GLU A 33 15.65 14.84 6.40
C GLU A 33 16.21 14.22 5.13
N VAL A 34 17.51 14.29 4.98
CA VAL A 34 18.17 13.65 3.85
C VAL A 34 18.74 12.34 4.34
N PRO A 35 18.30 11.22 3.76
CA PRO A 35 18.69 9.93 4.31
C PRO A 35 20.13 9.58 4.00
N PRO A 36 20.69 8.64 4.75
CA PRO A 36 22.11 8.36 4.60
C PRO A 36 22.54 7.96 3.19
N ALA A 37 21.72 7.20 2.47
CA ALA A 37 22.07 6.76 1.11
C ALA A 37 22.17 7.91 0.12
N LEU A 38 21.54 9.04 0.43
CA LEU A 38 21.74 10.25 -0.37
C LEU A 38 22.81 11.20 0.16
N GLY A 39 22.93 11.34 1.47
CA GLY A 39 23.97 12.19 2.07
C GLY A 39 25.36 11.79 1.58
N SER A 40 25.53 10.51 1.31
CA SER A 40 26.81 9.95 0.88
C SER A 40 27.19 10.30 -0.56
N LEU A 41 26.30 10.94 -1.31
CA LEU A 41 26.62 11.43 -2.65
C LEU A 41 27.52 12.66 -2.61
N PHE A 42 27.57 13.30 -1.44
CA PHE A 42 28.21 14.59 -1.24
C PHE A 42 29.44 14.43 -0.36
N ASP A 43 30.49 15.15 -0.72
CA ASP A 43 31.67 15.19 0.13
C ASP A 43 31.48 16.38 1.08
N ASP A 44 31.52 16.09 2.37
CA ASP A 44 31.46 17.08 3.42
C ASP A 44 30.30 18.08 3.29
N PRO A 45 29.08 17.57 3.12
CA PRO A 45 27.94 18.47 2.99
C PRO A 45 27.66 19.27 4.25
N LEU A 46 27.06 20.44 4.06
CA LEU A 46 26.66 21.33 5.15
C LEU A 46 25.27 20.95 5.68
N THR A 47 24.98 21.36 6.90
CA THR A 47 23.64 21.30 7.48
C THR A 47 23.22 22.69 7.90
N ALA A 48 21.97 22.83 8.34
CA ALA A 48 21.48 24.11 8.82
C ALA A 48 22.35 24.61 10.00
N ALA A 49 22.83 23.67 10.81
CA ALA A 49 23.64 24.01 11.98
C ALA A 49 25.07 24.42 11.61
N SER A 50 25.67 23.73 10.65
CA SER A 50 27.10 23.94 10.29
C SER A 50 27.35 25.02 9.23
N TRP A 51 26.33 25.37 8.46
CA TRP A 51 26.46 26.34 7.39
C TRP A 51 26.85 27.72 7.92
N ASP A 52 27.96 28.24 7.42
CA ASP A 52 28.30 29.66 7.60
C ASP A 52 27.55 30.41 6.51
N ARG A 53 26.53 31.18 6.91
CA ARG A 53 25.62 31.84 5.96
C ARG A 53 26.29 32.83 5.00
N SER A 54 27.55 33.16 5.24
CA SER A 54 28.31 34.00 4.31
C SER A 54 28.79 33.22 3.08
N THR A 55 28.95 31.90 3.21
CA THR A 55 29.32 31.05 2.07
C THR A 55 28.06 30.67 1.26
N ALA A 56 28.16 30.72 -0.06
CA ALA A 56 27.06 30.27 -0.94
C ALA A 56 27.25 28.80 -1.32
N PRO A 57 26.38 27.90 -0.82
CA PRO A 57 26.54 26.54 -1.29
C PRO A 57 26.25 26.41 -2.77
N ASP A 58 26.85 25.39 -3.39
CA ASP A 58 26.70 25.13 -4.82
C ASP A 58 25.29 24.62 -5.14
N GLY A 59 24.63 24.07 -4.12
CA GLY A 59 23.26 23.58 -4.26
C GLY A 59 22.65 23.31 -2.89
N VAL A 60 21.33 23.14 -2.86
CA VAL A 60 20.59 22.80 -1.64
C VAL A 60 19.74 21.57 -1.91
N LEU A 61 19.84 20.56 -1.06
CA LEU A 61 19.00 19.38 -1.21
C LEU A 61 18.13 19.28 0.03
N VAL A 62 16.82 19.31 -0.18
CA VAL A 62 15.84 19.27 0.88
C VAL A 62 15.10 17.95 0.85
N GLY A 63 15.09 17.25 1.97
CA GLY A 63 14.34 16.03 2.11
C GLY A 63 13.08 16.33 2.88
N ALA A 64 11.92 16.19 2.23
CA ALA A 64 10.65 16.65 2.78
C ALA A 64 9.59 15.55 2.76
N GLY A 65 8.96 15.33 3.91
CA GLY A 65 7.82 14.43 3.98
C GLY A 65 6.47 15.11 3.99
N ALA A 66 6.46 16.43 4.22
CA ALA A 66 5.22 17.22 4.22
C ALA A 66 5.55 18.66 3.81
N ALA A 67 4.52 19.39 3.41
CA ALA A 67 4.68 20.76 2.91
C ALA A 67 5.42 21.64 3.92
N GLU A 68 5.13 21.47 5.21
CA GLU A 68 5.80 22.24 6.27
C GLU A 68 7.32 22.07 6.29
N ASP A 69 7.81 20.88 5.91
CA ASP A 69 9.24 20.62 5.89
C ASP A 69 9.92 21.44 4.80
N LEU A 70 9.28 21.51 3.64
CA LEU A 70 9.83 22.31 2.54
C LEU A 70 9.71 23.79 2.89
N LEU A 71 8.61 24.19 3.50
CA LEU A 71 8.42 25.58 3.92
C LEU A 71 9.56 26.00 4.85
N ALA A 72 9.86 25.15 5.82
CA ALA A 72 10.95 25.43 6.76
C ALA A 72 12.31 25.58 6.06
N ALA A 73 12.59 24.71 5.10
CA ALA A 73 13.85 24.79 4.35
C ALA A 73 13.93 26.08 3.56
N LEU A 74 12.83 26.49 2.93
CA LEU A 74 12.86 27.71 2.14
C LEU A 74 13.06 28.92 3.04
N HIS A 75 12.53 28.89 4.27
CA HIS A 75 12.79 29.96 5.21
C HIS A 75 14.26 30.00 5.65
N GLU A 76 14.90 28.84 5.72
CA GLU A 76 16.31 28.79 6.09
C GLU A 76 17.20 29.45 5.07
N VAL A 77 16.89 29.25 3.79
CA VAL A 77 17.73 29.81 2.74
C VAL A 77 17.31 31.19 2.25
N ALA A 78 16.22 31.71 2.80
CA ALA A 78 15.75 33.01 2.38
C ALA A 78 16.77 34.06 2.73
N GLY A 79 17.04 34.95 1.80
CA GLY A 79 17.92 36.05 2.08
C GLY A 79 19.39 35.69 2.06
N HIS A 80 19.70 34.46 1.68
CA HIS A 80 21.08 34.03 1.56
C HIS A 80 21.32 33.48 0.18
N PRO A 81 22.44 33.81 -0.45
CA PRO A 81 22.72 33.24 -1.75
C PRO A 81 23.01 31.75 -1.66
N THR A 82 22.36 30.98 -2.53
CA THR A 82 22.68 29.57 -2.69
C THR A 82 22.49 29.20 -4.15
N GLY A 83 23.04 28.05 -4.52
CA GLY A 83 22.70 27.47 -5.80
C GLY A 83 21.28 26.94 -5.80
N PRO A 84 20.93 26.17 -6.84
CA PRO A 84 19.58 25.64 -7.00
C PRO A 84 19.10 24.80 -5.80
N VAL A 85 17.84 24.99 -5.45
CA VAL A 85 17.20 24.28 -4.36
C VAL A 85 16.38 23.14 -4.92
N TRP A 86 16.78 21.93 -4.56
CA TRP A 86 16.14 20.72 -5.01
C TRP A 86 15.49 20.07 -3.81
N CYS A 87 14.30 19.50 -4.03
CA CYS A 87 13.54 18.83 -2.97
C CYS A 87 13.24 17.40 -3.36
N VAL A 88 13.67 16.44 -2.53
CA VAL A 88 13.36 15.02 -2.78
C VAL A 88 12.28 14.51 -1.84
N THR A 89 11.38 13.73 -2.41
CA THR A 89 10.26 13.13 -1.70
C THR A 89 10.24 11.64 -2.05
N SER A 90 9.34 10.90 -1.40
CA SER A 90 8.98 9.54 -1.77
C SER A 90 7.47 9.35 -1.60
N ARG A 91 6.88 8.56 -2.52
CA ARG A 91 5.46 8.24 -2.53
C ARG A 91 4.57 9.49 -2.79
N ALA A 92 5.15 10.53 -3.39
CA ALA A 92 4.44 11.82 -3.52
C ALA A 92 3.61 11.90 -4.81
N VAL A 93 3.96 11.09 -5.79
CA VAL A 93 3.35 11.09 -7.13
C VAL A 93 3.12 9.66 -7.62
N GLY A 94 2.14 9.51 -8.50
CA GLY A 94 1.79 8.23 -9.11
C GLY A 94 2.18 8.32 -10.58
N VAL A 95 3.29 7.69 -10.95
CA VAL A 95 3.74 7.73 -12.34
C VAL A 95 2.87 6.90 -13.29
N GLY A 96 2.21 5.88 -12.76
CA GLY A 96 1.35 4.98 -13.55
C GLY A 96 2.11 3.77 -14.06
N THR A 97 3.19 3.41 -13.36
CA THR A 97 3.96 2.20 -13.66
C THR A 97 3.59 1.08 -12.68
N VAL A 98 4.15 -0.11 -12.90
CA VAL A 98 3.91 -1.29 -12.06
C VAL A 98 4.53 -1.15 -10.66
N ASP A 99 5.66 -0.45 -10.56
CA ASP A 99 6.37 -0.28 -9.29
C ASP A 99 6.04 1.07 -8.61
N ASP A 100 4.88 1.62 -8.92
CA ASP A 100 4.40 2.80 -8.19
C ASP A 100 4.08 2.42 -6.76
N PRO A 101 4.63 3.16 -5.78
CA PRO A 101 4.24 2.91 -4.42
C PRO A 101 2.82 3.39 -4.12
N ALA A 102 2.33 3.03 -2.94
CA ALA A 102 1.04 3.50 -2.47
C ALA A 102 1.12 5.00 -2.16
N ALA A 103 0.01 5.71 -2.35
CA ALA A 103 -0.03 7.17 -2.20
C ALA A 103 0.28 7.61 -0.76
N ASP A 104 1.12 8.65 -0.62
CA ASP A 104 1.39 9.30 0.65
C ASP A 104 0.76 10.68 0.53
N VAL A 105 -0.32 10.90 1.27
CA VAL A 105 -1.10 12.14 1.13
C VAL A 105 -0.25 13.34 1.51
N ARG A 106 0.46 13.25 2.62
CA ARG A 106 1.24 14.41 3.08
C ARG A 106 2.43 14.72 2.16
N ALA A 107 3.05 13.70 1.61
CA ALA A 107 4.16 13.91 0.68
C ALA A 107 3.72 14.65 -0.58
N ALA A 108 2.52 14.34 -1.05
CA ALA A 108 1.94 15.02 -2.22
C ALA A 108 1.85 16.55 -2.01
N GLY A 109 1.58 16.98 -0.78
CA GLY A 109 1.54 18.40 -0.44
C GLY A 109 2.84 19.13 -0.69
N VAL A 110 3.95 18.42 -0.54
CA VAL A 110 5.28 18.97 -0.85
C VAL A 110 5.32 19.45 -2.30
N TRP A 111 4.77 18.64 -3.21
CA TRP A 111 4.75 18.99 -4.63
C TRP A 111 3.83 20.18 -4.91
N GLY A 112 2.71 20.25 -4.23
CA GLY A 112 1.82 21.40 -4.41
C GLY A 112 2.53 22.69 -4.05
N LEU A 113 3.21 22.69 -2.91
CA LEU A 113 3.94 23.86 -2.46
C LEU A 113 5.17 24.15 -3.32
N GLY A 114 5.89 23.10 -3.69
CA GLY A 114 7.12 23.22 -4.48
C GLY A 114 6.90 23.88 -5.83
N ARG A 115 5.80 23.53 -6.49
CA ARG A 115 5.42 24.22 -7.73
C ARG A 115 5.24 25.73 -7.54
N VAL A 116 4.63 26.13 -6.44
CA VAL A 116 4.50 27.54 -6.10
C VAL A 116 5.89 28.18 -5.84
N ALA A 117 6.78 27.45 -5.18
CA ALA A 117 8.16 27.92 -4.99
C ALA A 117 8.84 28.23 -6.33
N GLY A 118 8.62 27.37 -7.33
CA GLY A 118 9.14 27.60 -8.67
C GLY A 118 8.66 28.90 -9.27
N LEU A 119 7.40 29.26 -9.01
CA LEU A 119 6.81 30.49 -9.55
C LEU A 119 7.23 31.74 -8.76
N GLU A 120 7.41 31.62 -7.45
CA GLU A 120 7.76 32.76 -6.60
C GLU A 120 9.25 33.03 -6.54
N LEU A 121 10.06 31.99 -6.71
CA LEU A 121 11.51 32.04 -6.59
C LEU A 121 12.14 31.43 -7.84
N PRO A 122 11.82 31.97 -9.03
CA PRO A 122 12.07 31.25 -10.28
C PRO A 122 13.55 31.00 -10.58
N ASP A 123 14.42 31.90 -10.11
CA ASP A 123 15.86 31.74 -10.38
C ASP A 123 16.54 30.84 -9.36
N ARG A 124 15.89 30.62 -8.23
CA ARG A 124 16.47 29.89 -7.09
C ARG A 124 16.02 28.44 -7.03
N TRP A 125 14.81 28.19 -7.50
CA TRP A 125 14.23 26.85 -7.37
C TRP A 125 14.79 25.91 -8.41
N GLY A 126 15.29 24.78 -7.96
CA GLY A 126 15.80 23.74 -8.80
C GLY A 126 14.66 22.88 -9.30
N GLY A 127 14.06 22.13 -8.38
CA GLY A 127 12.96 21.27 -8.74
C GLY A 127 12.60 20.23 -7.70
N LEU A 128 11.71 19.33 -8.11
CA LEU A 128 11.19 18.23 -7.29
C LEU A 128 11.61 16.92 -7.91
N VAL A 129 12.09 15.98 -7.07
CA VAL A 129 12.36 14.62 -7.49
C VAL A 129 11.77 13.62 -6.52
N ASP A 130 10.89 12.75 -7.04
CA ASP A 130 10.27 11.72 -6.21
C ASP A 130 11.05 10.39 -6.40
N LEU A 131 11.55 9.85 -5.30
CA LEU A 131 12.39 8.67 -5.34
C LEU A 131 11.66 7.50 -4.71
N PRO A 132 12.07 6.28 -5.06
CA PRO A 132 11.56 5.14 -4.31
C PRO A 132 11.94 5.25 -2.85
N GLU A 133 11.17 4.57 -2.00
N GLU A 133 11.20 4.57 -1.98
CA GLU A 133 11.44 4.52 -0.57
CA GLU A 133 11.52 4.59 -0.57
C GLU A 133 12.84 3.94 -0.30
C GLU A 133 12.88 3.95 -0.29
N ARG A 134 13.12 2.79 -0.88
CA ARG A 134 14.42 2.15 -0.73
C ARG A 134 15.37 2.72 -1.77
N ILE A 135 16.39 3.41 -1.28
CA ILE A 135 17.38 4.00 -2.15
C ILE A 135 18.47 2.98 -2.47
N ASP A 136 18.34 2.37 -3.63
CA ASP A 136 19.37 1.47 -4.13
C ASP A 136 20.41 2.27 -4.93
N ASP A 137 21.45 1.60 -5.40
CA ASP A 137 22.50 2.27 -6.18
C ASP A 137 21.96 2.93 -7.47
N ALA A 138 20.99 2.30 -8.12
CA ALA A 138 20.39 2.84 -9.33
C ALA A 138 19.71 4.19 -9.02
N THR A 139 19.02 4.24 -7.88
CA THR A 139 18.35 5.45 -7.49
C THR A 139 19.33 6.55 -7.15
N ARG A 140 20.38 6.21 -6.40
CA ARG A 140 21.45 7.16 -6.12
C ARG A 140 22.02 7.80 -7.37
N ARG A 141 22.24 7.00 -8.42
CA ARG A 141 22.85 7.50 -9.64
C ARG A 141 21.93 8.36 -10.49
N ALA A 142 20.64 8.03 -10.48
CA ALA A 142 19.66 8.83 -11.17
C ALA A 142 19.57 10.21 -10.53
N LEU A 143 19.58 10.27 -9.20
CA LEU A 143 19.54 11.55 -8.51
C LEU A 143 20.82 12.36 -8.74
N ALA A 144 21.96 11.70 -8.68
CA ALA A 144 23.21 12.40 -8.85
C ALA A 144 23.32 13.02 -10.23
N GLY A 145 22.92 12.27 -11.25
CA GLY A 145 22.88 12.80 -12.61
C GLY A 145 21.99 14.02 -12.73
N THR A 146 20.85 13.99 -12.05
CA THR A 146 19.92 15.10 -12.07
C THR A 146 20.51 16.35 -11.41
N LEU A 147 21.16 16.19 -10.25
CA LEU A 147 21.72 17.31 -9.52
C LEU A 147 22.98 17.88 -10.16
N THR A 148 23.68 17.06 -10.93
CA THR A 148 24.94 17.51 -11.55
C THR A 148 24.72 18.13 -12.91
N ASP A 149 23.68 17.67 -13.61
CA ASP A 149 23.41 18.07 -14.99
C ASP A 149 22.58 19.35 -15.07
N GLY A 157 16.43 21.14 -18.21
CA GLY A 157 15.38 22.08 -17.81
C GLY A 157 14.21 21.42 -17.09
N GLU A 158 14.28 20.12 -16.86
CA GLU A 158 13.17 19.43 -16.20
C GLU A 158 13.22 19.76 -14.71
N ASP A 159 12.06 20.00 -14.09
CA ASP A 159 12.00 20.34 -12.66
C ASP A 159 10.91 19.59 -11.88
N GLN A 160 10.22 18.68 -12.54
CA GLN A 160 9.23 17.81 -11.88
C GLN A 160 9.49 16.38 -12.34
N LEU A 161 10.26 15.67 -11.54
CA LEU A 161 10.84 14.39 -11.93
C LEU A 161 10.51 13.29 -10.96
N ALA A 162 10.52 12.06 -11.46
CA ALA A 162 10.37 10.89 -10.64
C ALA A 162 11.34 9.82 -11.10
N VAL A 163 11.91 9.10 -10.15
CA VAL A 163 12.76 7.94 -10.43
C VAL A 163 11.98 6.66 -10.16
N ARG A 164 11.91 5.79 -11.18
CA ARG A 164 11.23 4.51 -11.07
C ARG A 164 12.08 3.48 -11.78
N ASP A 165 12.46 2.43 -11.05
CA ASP A 165 13.35 1.36 -11.57
C ASP A 165 14.59 1.94 -12.24
N GLY A 166 15.19 2.95 -11.61
CA GLY A 166 16.38 3.58 -12.14
C GLY A 166 16.23 4.49 -13.36
N GLN A 167 15.00 4.69 -13.81
CA GLN A 167 14.73 5.56 -14.96
C GLN A 167 14.11 6.87 -14.48
N LEU A 168 14.38 7.94 -15.22
CA LEU A 168 13.79 9.26 -14.95
C LEU A 168 12.54 9.50 -15.76
N TRP A 169 11.52 10.00 -15.09
CA TRP A 169 10.23 10.34 -15.70
C TRP A 169 9.95 11.80 -15.39
N ALA A 170 9.39 12.52 -16.36
CA ALA A 170 9.08 13.95 -16.22
C ALA A 170 7.59 14.19 -16.32
N ARG A 171 7.11 15.08 -15.44
CA ARG A 171 5.66 15.36 -15.31
C ARG A 171 5.16 16.26 -16.43
N ARG A 172 3.98 15.93 -16.94
CA ARG A 172 3.33 16.69 -18.00
C ARG A 172 1.86 16.84 -17.71
N LEU A 173 1.26 17.90 -18.26
CA LEU A 173 -0.19 18.11 -18.20
C LEU A 173 -0.69 18.05 -19.62
N VAL A 174 -1.61 17.13 -19.88
CA VAL A 174 -2.15 16.91 -21.24
C VAL A 174 -3.67 16.85 -21.24
N THR A 175 -4.27 17.04 -22.43
CA THR A 175 -5.69 16.81 -22.58
C THR A 175 -6.04 15.32 -22.37
N THR A 176 -7.25 15.10 -21.87
N THR A 176 -7.29 15.10 -22.01
CA THR A 176 -7.86 13.76 -21.89
CA THR A 176 -7.83 13.75 -21.84
C THR A 176 -9.25 13.84 -22.49
C THR A 176 -9.28 13.80 -22.31
N PRO A 177 -9.80 12.68 -22.87
CA PRO A 177 -11.20 12.71 -23.28
C PRO A 177 -12.12 13.01 -22.10
N ALA A 178 -13.23 13.67 -22.36
CA ALA A 178 -14.29 13.88 -21.34
C ALA A 178 -15.18 12.64 -21.28
N PRO A 179 -15.43 12.12 -20.08
CA PRO A 179 -16.30 10.98 -19.90
C PRO A 179 -17.70 11.23 -20.48
N GLN A 180 -18.29 10.20 -21.07
N GLN A 180 -18.26 10.20 -21.11
CA GLN A 180 -19.66 10.28 -21.59
CA GLN A 180 -19.63 10.19 -21.59
C GLN A 180 -20.47 9.27 -20.79
C GLN A 180 -20.35 9.25 -20.65
N THR A 181 -21.29 9.76 -19.87
CA THR A 181 -21.86 8.95 -18.78
C THR A 181 -23.37 9.08 -18.63
N GLY A 182 -23.91 8.23 -17.76
CA GLY A 182 -25.27 8.37 -17.28
C GLY A 182 -25.38 9.48 -16.24
N THR A 183 -26.57 9.58 -15.66
CA THR A 183 -26.92 10.64 -14.72
C THR A 183 -26.46 10.29 -13.30
N TRP A 184 -25.90 11.25 -12.57
CA TRP A 184 -25.54 11.04 -11.17
C TRP A 184 -26.80 11.06 -10.31
N THR A 185 -27.05 9.97 -9.59
CA THR A 185 -28.28 9.82 -8.79
C THR A 185 -27.92 9.35 -7.39
N PRO A 186 -27.29 10.25 -6.60
CA PRO A 186 -26.89 9.86 -5.26
C PRO A 186 -28.09 9.55 -4.37
N LYS A 187 -27.94 8.54 -3.53
CA LYS A 187 -29.03 7.99 -2.71
C LYS A 187 -28.77 8.17 -1.23
N GLY A 188 -29.84 8.06 -0.44
CA GLY A 188 -29.69 8.12 1.00
C GLY A 188 -29.33 9.51 1.47
N THR A 189 -28.38 9.56 2.42
CA THR A 189 -27.91 10.82 2.98
C THR A 189 -26.67 11.32 2.25
N VAL A 190 -26.78 12.55 1.73
CA VAL A 190 -25.70 13.21 1.00
C VAL A 190 -25.17 14.31 1.92
N LEU A 191 -23.87 14.23 2.24
CA LEU A 191 -23.20 15.21 3.10
C LEU A 191 -22.32 16.11 2.23
N ILE A 192 -22.59 17.40 2.26
CA ILE A 192 -21.84 18.36 1.47
C ILE A 192 -21.11 19.29 2.42
N THR A 193 -19.80 19.11 2.56
CA THR A 193 -19.02 19.97 3.44
C THR A 193 -18.76 21.26 2.66
N GLY A 194 -18.71 22.40 3.37
CA GLY A 194 -18.78 23.69 2.71
C GLY A 194 -20.11 23.89 1.98
N GLY A 195 -21.16 23.22 2.46
CA GLY A 195 -22.43 23.11 1.71
C GLY A 195 -23.21 24.41 1.61
N THR A 196 -22.95 25.36 2.50
CA THR A 196 -23.59 26.68 2.45
C THR A 196 -22.76 27.70 1.69
N GLY A 197 -21.57 27.29 1.25
CA GLY A 197 -20.73 28.07 0.36
C GLY A 197 -21.21 28.10 -1.07
N GLY A 198 -20.42 28.73 -1.94
CA GLY A 198 -20.81 28.93 -3.32
C GLY A 198 -20.97 27.64 -4.09
N LEU A 199 -19.87 26.88 -4.18
CA LEU A 199 -19.89 25.65 -4.97
C LEU A 199 -20.73 24.60 -4.28
N GLY A 200 -20.60 24.50 -2.95
CA GLY A 200 -21.43 23.58 -2.15
C GLY A 200 -22.91 23.77 -2.42
N GLY A 201 -23.33 25.03 -2.48
CA GLY A 201 -24.75 25.35 -2.75
C GLY A 201 -25.20 24.91 -4.13
N HIS A 202 -24.36 25.13 -5.14
CA HIS A 202 -24.70 24.66 -6.48
C HIS A 202 -24.86 23.14 -6.54
N VAL A 203 -23.98 22.44 -5.85
CA VAL A 203 -24.02 20.99 -5.81
C VAL A 203 -25.27 20.53 -5.07
N ALA A 204 -25.57 21.19 -3.96
CA ALA A 204 -26.78 20.91 -3.18
C ALA A 204 -28.04 21.01 -4.03
N ARG A 205 -28.15 22.09 -4.81
CA ARG A 205 -29.31 22.30 -5.68
C ARG A 205 -29.39 21.23 -6.78
N ARG A 206 -28.23 20.84 -7.31
CA ARG A 206 -28.16 19.80 -8.35
C ARG A 206 -28.65 18.47 -7.82
N VAL A 207 -28.19 18.11 -6.63
CA VAL A 207 -28.62 16.87 -5.97
C VAL A 207 -30.12 16.91 -5.73
N ALA A 208 -30.60 18.03 -5.21
CA ALA A 208 -32.02 18.18 -4.87
C ALA A 208 -32.90 18.02 -6.11
N GLU A 209 -32.50 18.69 -7.19
CA GLU A 209 -33.19 18.61 -8.48
C GLU A 209 -33.32 17.18 -9.05
N GLN A 210 -32.34 16.34 -8.76
CA GLN A 210 -32.34 14.98 -9.28
C GLN A 210 -33.42 14.12 -8.66
N GLY A 211 -33.74 14.41 -7.42
CA GLY A 211 -34.82 13.69 -6.75
C GLY A 211 -34.47 12.26 -6.40
N SER A 212 -33.17 12.00 -6.22
CA SER A 212 -32.69 10.66 -5.91
C SER A 212 -32.37 10.41 -4.44
N ALA A 213 -32.04 11.46 -3.71
CA ALA A 213 -31.60 11.32 -2.31
C ALA A 213 -32.75 11.38 -1.32
N ASP A 214 -32.52 10.81 -0.14
CA ASP A 214 -33.46 10.97 0.99
C ASP A 214 -33.20 12.24 1.80
N ARG A 215 -31.93 12.57 2.01
CA ARG A 215 -31.52 13.67 2.90
C ARG A 215 -30.31 14.38 2.36
N ILE A 216 -30.33 15.70 2.40
CA ILE A 216 -29.18 16.52 2.00
C ILE A 216 -28.74 17.33 3.21
N LEU A 217 -27.50 17.11 3.63
CA LEU A 217 -26.93 17.80 4.79
C LEU A 217 -25.82 18.74 4.32
N LEU A 218 -25.98 20.02 4.66
CA LEU A 218 -25.03 21.06 4.28
C LEU A 218 -24.23 21.37 5.54
N LEU A 219 -22.94 21.10 5.49
CA LEU A 219 -22.08 21.26 6.69
C LEU A 219 -21.09 22.40 6.50
N SER A 220 -21.02 23.26 7.52
CA SER A 220 -20.08 24.41 7.51
C SER A 220 -20.00 24.88 8.94
N ARG A 221 -19.02 25.72 9.27
CA ARG A 221 -18.94 26.21 10.64
C ARG A 221 -20.15 27.09 10.99
N GLN A 222 -20.65 27.81 10.02
CA GLN A 222 -21.79 28.70 10.25
C GLN A 222 -23.11 27.95 10.24
N GLY A 223 -23.21 26.90 9.45
CA GLY A 223 -24.44 26.11 9.42
C GLY A 223 -25.60 26.96 8.96
N SER A 224 -26.71 26.88 9.69
CA SER A 224 -27.90 27.61 9.30
C SER A 224 -27.77 29.11 9.53
N ALA A 225 -26.74 29.53 10.26
CA ALA A 225 -26.42 30.97 10.40
C ALA A 225 -25.62 31.55 9.21
N ALA A 226 -25.18 30.71 8.27
CA ALA A 226 -24.51 31.22 7.06
C ALA A 226 -25.38 32.17 6.22
N PRO A 227 -24.78 33.27 5.72
CA PRO A 227 -25.49 34.11 4.79
C PRO A 227 -26.06 33.32 3.63
N GLY A 228 -27.34 33.53 3.35
CA GLY A 228 -28.02 32.86 2.25
C GLY A 228 -28.57 31.48 2.57
N ALA A 229 -28.22 30.92 3.72
CA ALA A 229 -28.59 29.53 4.07
C ALA A 229 -30.12 29.30 4.09
N THR A 230 -30.86 30.26 4.62
CA THR A 230 -32.31 30.13 4.71
C THR A 230 -32.94 29.96 3.34
N GLU A 231 -32.54 30.81 2.40
CA GLU A 231 -33.07 30.75 1.05
C GLU A 231 -32.58 29.50 0.32
N LEU A 232 -31.31 29.15 0.54
CA LEU A 232 -30.75 27.93 -0.08
C LEU A 232 -31.55 26.70 0.36
N LEU A 233 -31.77 26.55 1.66
CA LEU A 233 -32.53 25.41 2.20
C LEU A 233 -33.98 25.38 1.69
N GLU A 234 -34.61 26.53 1.64
CA GLU A 234 -36.00 26.62 1.14
C GLU A 234 -36.07 26.07 -0.29
N GLY A 235 -35.14 26.53 -1.13
CA GLY A 235 -35.07 26.08 -2.52
C GLY A 235 -34.84 24.59 -2.68
N ILE A 236 -33.96 24.03 -1.84
CA ILE A 236 -33.70 22.60 -1.83
C ILE A 236 -34.92 21.81 -1.31
N ARG A 237 -35.56 22.33 -0.26
CA ARG A 237 -36.69 21.61 0.37
C ARG A 237 -37.90 21.45 -0.54
N ALA A 238 -37.99 22.27 -1.58
CA ALA A 238 -39.06 22.12 -2.58
C ALA A 238 -39.05 20.80 -3.39
N PHE A 239 -37.94 20.07 -3.38
CA PHE A 239 -37.70 18.94 -4.29
C PHE A 239 -37.86 17.49 -3.74
N GLY A 240 -38.10 17.33 -2.45
CA GLY A 240 -38.45 16.00 -1.93
C GLY A 240 -37.58 15.46 -0.81
N ALA A 241 -36.26 15.65 -0.92
CA ALA A 241 -35.36 15.23 0.15
C ALA A 241 -35.51 16.18 1.32
N THR A 242 -35.28 15.69 2.53
CA THR A 242 -35.17 16.58 3.65
C THR A 242 -33.81 17.25 3.53
N ALA A 243 -33.67 18.43 4.10
CA ALA A 243 -32.40 19.15 4.05
C ALA A 243 -32.23 19.95 5.31
N GLU A 244 -30.98 20.05 5.74
CA GLU A 244 -30.64 20.82 6.91
C GLU A 244 -29.23 21.35 6.74
N ALA A 245 -28.95 22.48 7.36
CA ALA A 245 -27.58 22.96 7.46
C ALA A 245 -27.12 22.73 8.87
N VAL A 246 -26.00 22.04 9.03
CA VAL A 246 -25.46 21.73 10.35
C VAL A 246 -24.19 22.57 10.56
N ALA A 247 -24.06 23.12 11.77
CA ALA A 247 -22.94 23.96 12.14
C ALA A 247 -21.88 23.09 12.80
N VAL A 248 -20.89 22.65 11.98
CA VAL A 248 -19.88 21.70 12.40
C VAL A 248 -18.56 22.05 11.72
N ASP A 249 -17.49 22.07 12.51
CA ASP A 249 -16.13 22.15 11.98
C ASP A 249 -15.71 20.77 11.45
N VAL A 250 -15.39 20.71 10.15
CA VAL A 250 -15.08 19.46 9.46
C VAL A 250 -13.80 18.80 9.99
N THR A 251 -12.99 19.54 10.74
CA THR A 251 -11.78 19.01 11.35
C THR A 251 -12.00 18.52 12.79
N ASP A 252 -13.21 18.72 13.33
CA ASP A 252 -13.52 18.36 14.72
C ASP A 252 -13.99 16.91 14.81
N ARG A 253 -13.10 16.06 15.28
CA ARG A 253 -13.37 14.62 15.33
C ARG A 253 -14.60 14.27 16.16
N ALA A 254 -14.76 14.89 17.32
CA ALA A 254 -15.88 14.58 18.22
C ALA A 254 -17.21 14.95 17.57
N ALA A 255 -17.27 16.14 17.00
CA ALA A 255 -18.45 16.66 16.32
C ALA A 255 -18.77 15.85 15.06
N MET A 256 -17.74 15.51 14.27
CA MET A 256 -17.98 14.78 13.03
C MET A 256 -18.44 13.35 13.30
N SER A 257 -17.80 12.69 14.26
N SER A 257 -17.79 12.70 14.27
CA SER A 257 -18.15 11.31 14.61
CA SER A 257 -18.14 11.33 14.66
C SER A 257 -19.55 11.24 15.23
C SER A 257 -19.56 11.26 15.20
N GLY A 258 -19.89 12.23 16.04
CA GLY A 258 -21.25 12.38 16.58
C GLY A 258 -22.34 12.46 15.52
N LEU A 259 -22.11 13.28 14.50
CA LEU A 259 -23.05 13.48 13.41
C LEU A 259 -23.23 12.19 12.63
N ILE A 260 -22.10 11.61 12.24
CA ILE A 260 -22.10 10.40 11.45
C ILE A 260 -22.78 9.24 12.20
N ASP A 261 -22.44 9.09 13.47
CA ASP A 261 -23.05 8.05 14.31
C ASP A 261 -24.55 8.23 14.46
N ALA A 262 -24.99 9.47 14.64
CA ALA A 262 -26.42 9.78 14.81
C ALA A 262 -27.21 9.47 13.56
N LEU A 263 -26.62 9.72 12.39
CA LEU A 263 -27.29 9.44 11.13
C LEU A 263 -27.43 7.92 10.92
N ALA A 264 -26.38 7.17 11.24
CA ALA A 264 -26.40 5.72 11.10
C ALA A 264 -27.44 5.11 12.06
N ALA A 265 -27.56 5.70 13.25
CA ALA A 265 -28.51 5.22 14.28
C ALA A 265 -29.98 5.43 13.86
N GLU A 266 -30.23 6.48 13.09
CA GLU A 266 -31.55 6.74 12.50
C GLU A 266 -31.86 5.86 11.29
N GLY A 267 -30.90 5.06 10.82
CA GLY A 267 -31.06 4.24 9.63
C GLY A 267 -30.92 5.05 8.35
N ALA A 268 -30.24 6.20 8.45
CA ALA A 268 -29.99 7.11 7.32
C ALA A 268 -28.51 7.44 7.24
N PRO A 269 -27.66 6.41 7.16
CA PRO A 269 -26.20 6.64 7.16
C PRO A 269 -25.75 7.46 5.94
N VAL A 270 -24.71 8.28 6.14
CA VAL A 270 -24.08 9.01 5.04
C VAL A 270 -23.66 7.99 3.99
N ARG A 271 -24.07 8.21 2.75
N ARG A 271 -24.10 8.22 2.76
CA ARG A 271 -23.63 7.36 1.62
CA ARG A 271 -23.74 7.38 1.60
C ARG A 271 -22.90 8.11 0.51
C ARG A 271 -22.89 8.10 0.57
N THR A 272 -22.96 9.43 0.52
CA THR A 272 -22.16 10.24 -0.42
C THR A 272 -21.58 11.41 0.35
N VAL A 273 -20.32 11.70 0.07
CA VAL A 273 -19.68 12.91 0.56
C VAL A 273 -19.21 13.75 -0.62
N VAL A 274 -19.52 15.04 -0.59
CA VAL A 274 -18.91 16.00 -1.48
C VAL A 274 -18.18 16.98 -0.59
N HIS A 275 -16.86 17.03 -0.71
CA HIS A 275 -16.04 17.82 0.21
C HIS A 275 -15.63 19.12 -0.46
N ALA A 276 -16.36 20.19 -0.14
CA ALA A 276 -16.08 21.52 -0.67
C ALA A 276 -15.63 22.51 0.41
N ALA A 277 -15.44 22.06 1.64
CA ALA A 277 -14.87 22.90 2.71
C ALA A 277 -13.44 23.30 2.37
N GLY A 278 -13.12 24.56 2.61
CA GLY A 278 -11.80 25.08 2.30
C GLY A 278 -11.76 26.59 2.40
N VAL A 279 -10.54 27.11 2.39
CA VAL A 279 -10.29 28.54 2.40
C VAL A 279 -9.20 28.83 1.40
N VAL A 280 -9.15 30.06 0.92
CA VAL A 280 -8.03 30.47 0.04
C VAL A 280 -7.50 31.81 0.48
N ARG A 281 -6.18 31.91 0.56
CA ARG A 281 -5.52 33.16 0.91
C ARG A 281 -4.40 33.43 -0.09
N ASP A 282 -4.03 34.69 -0.20
CA ASP A 282 -2.96 35.16 -1.09
C ASP A 282 -1.79 35.62 -0.22
N VAL A 283 -0.86 34.70 0.04
CA VAL A 283 0.29 34.95 0.90
C VAL A 283 1.51 34.27 0.30
N ARG A 284 2.57 35.03 0.01
CA ARG A 284 3.81 34.46 -0.52
C ARG A 284 4.44 33.52 0.49
N ILE A 285 5.25 32.59 0.01
CA ILE A 285 5.94 31.65 0.85
C ILE A 285 6.77 32.39 1.90
N ALA A 286 7.39 33.49 1.48
CA ALA A 286 8.23 34.29 2.38
C ALA A 286 7.47 34.86 3.58
N GLU A 287 6.16 35.05 3.42
CA GLU A 287 5.32 35.60 4.46
C GLU A 287 4.46 34.53 5.16
N THR A 288 4.59 33.27 4.76
CA THR A 288 3.80 32.17 5.32
C THR A 288 4.56 31.40 6.40
N GLY A 289 4.08 31.45 7.64
CA GLY A 289 4.65 30.63 8.70
C GLY A 289 4.00 29.26 8.77
N ALA A 290 4.60 28.34 9.53
CA ALA A 290 4.10 26.97 9.66
C ALA A 290 2.68 26.95 10.18
N GLU A 291 2.39 27.81 11.15
CA GLU A 291 1.04 27.83 11.74
C GLU A 291 -0.02 28.27 10.72
N GLU A 292 0.30 29.32 9.96
CA GLU A 292 -0.59 29.78 8.91
C GLU A 292 -0.72 28.77 7.79
N LEU A 293 0.38 28.11 7.42
CA LEU A 293 0.31 27.01 6.41
C LEU A 293 -0.68 25.94 6.90
N ALA A 294 -0.55 25.55 8.15
CA ALA A 294 -1.45 24.55 8.71
C ALA A 294 -2.89 25.02 8.69
N ALA A 295 -3.13 26.28 9.07
CA ALA A 295 -4.50 26.85 9.01
C ALA A 295 -5.09 26.88 7.61
N GLN A 296 -4.24 27.16 6.62
CA GLN A 296 -4.63 27.18 5.23
C GLN A 296 -5.03 25.80 4.71
N MET A 297 -4.41 24.76 5.26
CA MET A 297 -4.61 23.38 4.79
C MET A 297 -5.67 22.62 5.65
N ALA A 298 -6.07 23.19 6.78
CA ALA A 298 -6.79 22.39 7.80
C ALA A 298 -8.13 21.83 7.30
N ALA A 299 -9.07 22.72 6.94
CA ALA A 299 -10.40 22.25 6.50
C ALA A 299 -10.29 21.30 5.30
N LYS A 300 -9.46 21.68 4.34
CA LYS A 300 -9.36 20.92 3.10
C LYS A 300 -8.74 19.54 3.36
N VAL A 301 -7.54 19.52 3.96
CA VAL A 301 -6.78 18.28 4.14
C VAL A 301 -7.20 17.47 5.36
N GLU A 302 -7.17 18.11 6.53
CA GLU A 302 -7.54 17.39 7.75
C GLU A 302 -9.02 16.99 7.71
N GLY A 303 -9.89 17.84 7.19
CA GLY A 303 -11.29 17.48 6.92
C GLY A 303 -11.44 16.24 6.04
N ALA A 304 -10.73 16.23 4.92
CA ALA A 304 -10.83 15.09 4.02
C ALA A 304 -10.33 13.79 4.65
N LEU A 305 -9.22 13.88 5.40
CA LEU A 305 -8.63 12.73 6.05
C LEU A 305 -9.58 12.20 7.11
N LEU A 306 -10.22 13.12 7.83
CA LEU A 306 -11.17 12.70 8.88
C LEU A 306 -12.39 12.03 8.24
N LEU A 307 -12.88 12.61 7.15
CA LEU A 307 -14.02 12.01 6.43
C LEU A 307 -13.69 10.62 5.91
N ASP A 308 -12.50 10.46 5.34
CA ASP A 308 -12.06 9.19 4.81
C ASP A 308 -12.02 8.15 5.93
N GLU A 309 -11.50 8.53 7.07
CA GLU A 309 -11.38 7.62 8.19
C GLU A 309 -12.75 7.19 8.77
N LEU A 310 -13.65 8.14 8.93
CA LEU A 310 -14.92 7.89 9.60
C LEU A 310 -15.96 7.26 8.66
N LEU A 311 -15.73 7.31 7.37
CA LEU A 311 -16.71 6.84 6.37
C LEU A 311 -16.07 5.88 5.37
N PRO A 312 -15.72 4.67 5.83
CA PRO A 312 -15.10 3.66 4.94
C PRO A 312 -16.00 3.08 3.86
N ASP A 313 -17.31 3.19 4.04
CA ASP A 313 -18.30 2.57 3.16
C ASP A 313 -19.18 3.67 2.57
N LEU A 314 -18.82 4.16 1.39
CA LEU A 314 -19.61 5.18 0.70
C LEU A 314 -19.83 4.79 -0.74
N ASP A 315 -20.95 5.24 -1.30
CA ASP A 315 -21.23 5.14 -2.73
C ASP A 315 -20.30 6.05 -3.54
N ASP A 316 -20.00 7.22 -2.98
CA ASP A 316 -19.17 8.23 -3.61
C ASP A 316 -18.47 9.10 -2.58
N PHE A 317 -17.24 9.49 -2.92
CA PHE A 317 -16.42 10.35 -2.09
C PHE A 317 -15.76 11.33 -3.04
N VAL A 318 -16.28 12.55 -3.07
CA VAL A 318 -15.99 13.52 -4.13
C VAL A 318 -15.26 14.68 -3.50
N LEU A 319 -14.03 14.89 -3.94
CA LEU A 319 -13.20 15.99 -3.44
C LEU A 319 -13.12 17.15 -4.45
N PHE A 320 -13.39 18.38 -3.99
CA PHE A 320 -13.25 19.55 -4.83
C PHE A 320 -11.85 20.12 -4.67
N SER A 321 -11.01 19.81 -5.65
CA SER A 321 -9.67 20.30 -5.71
C SER A 321 -9.58 21.50 -6.68
N SER A 322 -8.36 21.87 -7.06
CA SER A 322 -8.13 23.09 -7.84
C SER A 322 -6.93 22.90 -8.75
N ILE A 323 -6.96 23.60 -9.89
CA ILE A 323 -5.76 23.78 -10.76
C ILE A 323 -4.55 24.27 -9.96
N SER A 324 -4.78 24.94 -8.84
CA SER A 324 -3.67 25.41 -8.00
C SER A 324 -2.76 24.26 -7.58
N GLY A 325 -3.36 23.13 -7.27
CA GLY A 325 -2.59 21.96 -6.85
C GLY A 325 -2.03 21.16 -8.01
N ILE A 326 -2.37 21.56 -9.25
CA ILE A 326 -1.92 20.86 -10.43
C ILE A 326 -0.68 21.55 -11.00
N TRP A 327 -0.80 22.88 -11.19
CA TRP A 327 0.32 23.63 -11.73
C TRP A 327 0.85 24.80 -10.91
N GLY A 328 0.08 25.24 -9.91
CA GLY A 328 0.50 26.30 -9.00
C GLY A 328 0.11 27.69 -9.43
N ALA A 329 0.13 28.62 -8.46
CA ALA A 329 -0.07 30.04 -8.70
C ALA A 329 0.68 30.78 -7.59
N ALA A 330 1.30 31.90 -7.92
CA ALA A 330 1.93 32.72 -6.91
C ALA A 330 0.93 33.10 -5.82
N GLY A 331 1.40 33.09 -4.57
CA GLY A 331 0.56 33.45 -3.44
C GLY A 331 -0.29 32.32 -2.89
N GLN A 332 -0.23 31.15 -3.55
CA GLN A 332 -1.10 30.02 -3.20
C GLN A 332 -0.39 28.78 -2.60
N ALA A 333 0.76 28.95 -1.97
CA ALA A 333 1.49 27.80 -1.41
C ALA A 333 0.62 26.83 -0.58
N GLY A 334 -0.12 27.35 0.39
CA GLY A 334 -0.95 26.51 1.25
C GLY A 334 -2.16 25.96 0.53
N TYR A 335 -2.75 26.77 -0.34
CA TYR A 335 -3.92 26.36 -1.12
C TYR A 335 -3.49 25.23 -2.07
N ALA A 336 -2.39 25.46 -2.76
CA ALA A 336 -1.86 24.46 -3.71
C ALA A 336 -1.50 23.17 -2.98
N ALA A 337 -0.86 23.28 -1.83
CA ALA A 337 -0.45 22.10 -1.08
C ALA A 337 -1.68 21.26 -0.70
N GLY A 338 -2.70 21.93 -0.20
CA GLY A 338 -3.90 21.23 0.26
C GLY A 338 -4.59 20.53 -0.89
N ASN A 339 -4.66 21.19 -2.03
CA ASN A 339 -5.30 20.60 -3.18
C ASN A 339 -4.52 19.38 -3.71
N ALA A 340 -3.20 19.47 -3.71
CA ALA A 340 -2.37 18.34 -4.11
C ALA A 340 -2.61 17.16 -3.17
N CYS A 341 -2.78 17.45 -1.89
CA CYS A 341 -3.12 16.40 -0.91
C CYS A 341 -4.43 15.72 -1.25
N LEU A 342 -5.44 16.49 -1.65
CA LEU A 342 -6.75 15.90 -2.01
C LEU A 342 -6.59 14.91 -3.15
N ASP A 343 -5.83 15.28 -4.16
CA ASP A 343 -5.68 14.41 -5.32
C ASP A 343 -5.04 13.10 -4.88
N ALA A 344 -4.08 13.19 -3.96
CA ALA A 344 -3.41 11.97 -3.47
C ALA A 344 -4.32 11.12 -2.63
N LEU A 345 -5.17 11.76 -1.82
CA LEU A 345 -6.12 11.02 -0.99
C LEU A 345 -7.08 10.22 -1.87
N ALA A 346 -7.57 10.81 -2.97
CA ALA A 346 -8.45 10.06 -3.85
C ALA A 346 -7.74 8.82 -4.38
N ARG A 347 -6.49 8.97 -4.79
CA ARG A 347 -5.70 7.81 -5.27
C ARG A 347 -5.56 6.76 -4.17
N ARG A 348 -5.28 7.22 -2.97
CA ARG A 348 -5.07 6.34 -1.83
C ARG A 348 -6.32 5.53 -1.53
N ARG A 349 -7.47 6.21 -1.57
CA ARG A 349 -8.74 5.56 -1.25
C ARG A 349 -9.09 4.51 -2.30
N ARG A 350 -8.87 4.82 -3.58
CA ARG A 350 -9.08 3.84 -4.65
C ARG A 350 -8.16 2.61 -4.52
N GLU A 351 -6.94 2.82 -4.04
CA GLU A 351 -5.98 1.73 -3.81
C GLU A 351 -6.50 0.77 -2.74
N GLN A 352 -7.31 1.33 -1.85
CA GLN A 352 -7.94 0.59 -0.76
C GLN A 352 -9.28 -0.02 -1.20
N GLY A 353 -9.60 0.06 -2.49
CA GLY A 353 -10.78 -0.59 -3.02
C GLY A 353 -12.06 0.21 -2.82
N LYS A 354 -11.91 1.51 -2.57
CA LYS A 354 -13.05 2.37 -2.29
C LYS A 354 -13.22 3.41 -3.41
N ARG A 355 -14.46 3.84 -3.63
CA ARG A 355 -14.71 4.88 -4.63
C ARG A 355 -14.21 6.24 -4.15
N ALA A 356 -13.60 6.99 -5.06
CA ALA A 356 -13.16 8.36 -4.79
C ALA A 356 -12.79 9.06 -6.07
N VAL A 357 -13.16 10.33 -6.18
CA VAL A 357 -12.66 11.19 -7.23
C VAL A 357 -12.31 12.56 -6.69
N SER A 358 -11.20 13.11 -7.17
CA SER A 358 -10.82 14.48 -6.87
C SER A 358 -10.83 15.24 -8.17
N VAL A 359 -11.69 16.25 -8.26
CA VAL A 359 -11.74 17.05 -9.49
C VAL A 359 -10.98 18.33 -9.23
N ALA A 360 -9.93 18.56 -10.04
CA ALA A 360 -9.11 19.77 -9.92
C ALA A 360 -9.74 20.84 -10.83
N TRP A 361 -10.62 21.64 -10.24
CA TRP A 361 -11.33 22.66 -10.95
C TRP A 361 -10.50 23.92 -11.27
N GLY A 362 -10.70 24.43 -12.48
CA GLY A 362 -10.49 25.85 -12.73
C GLY A 362 -11.53 26.71 -12.07
N PRO A 363 -11.44 28.03 -12.27
CA PRO A 363 -12.37 28.94 -11.64
C PRO A 363 -13.79 28.68 -12.11
N TRP A 364 -14.73 28.85 -11.19
CA TRP A 364 -16.16 28.82 -11.53
C TRP A 364 -16.74 30.22 -11.53
N ALA A 365 -17.72 30.41 -12.39
CA ALA A 365 -18.56 31.62 -12.36
C ALA A 365 -19.57 31.45 -11.22
N GLY A 366 -20.24 32.54 -10.85
CA GLY A 366 -21.48 32.43 -10.03
C GLY A 366 -21.37 32.49 -8.53
N GLY A 367 -20.25 33.00 -8.02
CA GLY A 367 -20.09 33.23 -6.58
C GLY A 367 -19.17 32.23 -5.89
N GLY A 368 -18.82 32.54 -4.65
CA GLY A 368 -17.93 31.71 -3.87
C GLY A 368 -16.65 32.48 -3.56
N MET A 369 -15.51 31.83 -3.78
CA MET A 369 -14.21 32.41 -3.46
C MET A 369 -13.85 33.59 -4.33
N LEU A 370 -14.30 33.56 -5.58
CA LEU A 370 -13.87 34.56 -6.57
C LEU A 370 -14.77 35.79 -6.53
N THR A 371 -14.14 36.95 -6.48
CA THR A 371 -14.82 38.24 -6.61
C THR A 371 -14.93 38.59 -8.10
N GLU A 372 -15.73 39.60 -8.41
CA GLU A 372 -15.86 40.11 -9.77
C GLU A 372 -14.49 40.46 -10.37
N HIS A 373 -13.65 41.10 -9.56
CA HIS A 373 -12.28 41.48 -9.94
C HIS A 373 -11.37 40.29 -10.19
N ASP A 374 -11.44 39.27 -9.33
CA ASP A 374 -10.67 38.04 -9.52
C ASP A 374 -10.94 37.49 -10.91
N GLU A 375 -12.22 37.37 -11.23
CA GLU A 375 -12.68 36.82 -12.51
C GLU A 375 -12.06 37.57 -13.71
N ARG A 376 -11.96 38.89 -13.61
CA ARG A 376 -11.39 39.71 -14.70
C ARG A 376 -9.86 39.55 -14.87
N GLU A 377 -9.14 39.33 -13.76
CA GLU A 377 -7.70 39.07 -13.79
C GLU A 377 -7.40 37.66 -14.31
N LEU A 378 -8.27 36.72 -13.97
CA LEU A 378 -8.13 35.34 -14.44
C LEU A 378 -8.27 35.28 -15.96
N ARG A 379 -9.28 35.97 -16.48
CA ARG A 379 -9.53 35.99 -17.94
C ARG A 379 -8.34 36.54 -18.67
N LYS A 380 -7.70 37.51 -18.02
CA LYS A 380 -6.47 38.10 -18.53
C LYS A 380 -5.38 37.07 -18.73
N ARG A 381 -5.26 36.12 -17.80
CA ARG A 381 -4.26 35.05 -17.91
C ARG A 381 -4.81 33.73 -18.45
N GLY A 382 -5.85 33.84 -19.27
CA GLY A 382 -6.35 32.73 -20.05
C GLY A 382 -7.20 31.73 -19.30
N LEU A 383 -7.73 32.13 -18.14
CA LEU A 383 -8.64 31.26 -17.40
C LEU A 383 -9.99 31.95 -17.40
N THR A 384 -10.97 31.29 -18.01
CA THR A 384 -12.32 31.80 -18.05
C THR A 384 -13.12 31.02 -17.02
N PRO A 385 -13.84 31.71 -16.15
CA PRO A 385 -14.69 30.95 -15.21
C PRO A 385 -15.69 30.03 -15.91
N LEU A 386 -15.81 28.80 -15.38
CA LEU A 386 -16.75 27.82 -15.96
C LEU A 386 -18.14 28.29 -15.60
N LEU A 387 -19.06 28.22 -16.56
CA LEU A 387 -20.46 28.47 -16.25
C LEU A 387 -21.01 27.33 -15.39
N VAL A 388 -21.90 27.64 -14.47
CA VAL A 388 -22.38 26.68 -13.51
C VAL A 388 -22.99 25.42 -14.15
N PRO A 389 -23.83 25.57 -15.19
CA PRO A 389 -24.34 24.33 -15.81
C PRO A 389 -23.23 23.43 -16.35
N ALA A 390 -22.24 24.04 -16.99
CA ALA A 390 -21.12 23.29 -17.57
C ALA A 390 -20.31 22.61 -16.48
N ALA A 391 -20.08 23.31 -15.37
CA ALA A 391 -19.30 22.75 -14.28
C ALA A 391 -20.01 21.56 -13.64
N LEU A 392 -21.31 21.72 -13.40
CA LEU A 392 -22.09 20.66 -12.79
C LEU A 392 -22.18 19.43 -13.69
N GLN A 393 -22.27 19.64 -15.01
N GLN A 393 -22.27 19.67 -15.00
CA GLN A 393 -22.29 18.52 -15.94
CA GLN A 393 -22.27 18.61 -16.00
C GLN A 393 -20.94 17.80 -15.89
C GLN A 393 -20.96 17.83 -15.93
N ALA A 394 -19.85 18.56 -15.85
CA ALA A 394 -18.54 17.93 -15.77
C ALA A 394 -18.35 17.19 -14.46
N MET A 395 -18.93 17.72 -13.38
CA MET A 395 -18.92 17.01 -12.09
C MET A 395 -19.57 15.63 -12.19
N GLU A 396 -20.75 15.58 -12.79
CA GLU A 396 -21.45 14.30 -13.01
C GLU A 396 -20.61 13.34 -13.85
N GLN A 397 -20.00 13.86 -14.91
CA GLN A 397 -19.14 13.06 -15.77
C GLN A 397 -17.94 12.49 -15.00
N ALA A 398 -17.33 13.29 -14.12
CA ALA A 398 -16.20 12.83 -13.35
C ALA A 398 -16.58 11.72 -12.37
N ILE A 399 -17.74 11.88 -11.74
CA ILE A 399 -18.22 10.93 -10.76
C ILE A 399 -18.63 9.63 -11.43
N MET A 400 -19.34 9.74 -12.57
CA MET A 400 -19.98 8.60 -13.21
C MET A 400 -19.07 7.90 -14.22
N SER A 401 -17.85 8.39 -14.35
CA SER A 401 -16.88 7.85 -15.31
C SER A 401 -16.67 6.33 -15.14
N ASP A 402 -16.66 5.59 -16.23
CA ASP A 402 -16.49 4.12 -16.18
C ASP A 402 -15.08 3.72 -15.75
N ARG A 403 -14.15 4.64 -15.86
CA ARG A 403 -12.78 4.43 -15.43
C ARG A 403 -12.31 5.47 -14.42
N ALA A 404 -11.60 4.98 -13.42
CA ALA A 404 -11.04 5.81 -12.36
C ALA A 404 -9.99 6.75 -12.91
N GLY A 405 -9.96 7.96 -12.38
CA GLY A 405 -8.98 8.95 -12.79
C GLY A 405 -9.07 10.12 -11.86
N ASP A 406 -8.17 11.08 -12.00
CA ASP A 406 -8.40 12.33 -11.30
C ASP A 406 -8.29 13.40 -12.38
N PRO A 407 -9.42 13.92 -12.76
CA PRO A 407 -9.50 14.91 -13.82
C PRO A 407 -9.22 16.34 -13.39
N VAL A 408 -8.70 17.10 -14.34
CA VAL A 408 -8.52 18.55 -14.21
C VAL A 408 -9.53 19.12 -15.20
N VAL A 409 -10.42 20.00 -14.71
CA VAL A 409 -11.53 20.54 -15.53
C VAL A 409 -11.52 22.06 -15.46
N ALA A 410 -11.23 22.70 -16.59
CA ALA A 410 -11.02 24.16 -16.62
C ALA A 410 -11.22 24.69 -18.03
N ASP A 411 -11.60 25.96 -18.15
CA ASP A 411 -11.68 26.62 -19.45
C ASP A 411 -10.40 27.45 -19.66
N VAL A 412 -9.44 26.88 -20.37
CA VAL A 412 -8.12 27.48 -20.55
C VAL A 412 -7.96 27.94 -21.98
N THR A 413 -7.53 29.19 -22.15
CA THR A 413 -7.13 29.70 -23.46
C THR A 413 -5.60 29.75 -23.45
N TRP A 414 -4.99 28.74 -24.06
CA TRP A 414 -3.57 28.48 -23.94
C TRP A 414 -2.70 29.63 -24.49
N SER A 415 -3.18 30.31 -25.54
CA SER A 415 -2.43 31.44 -26.11
C SER A 415 -2.23 32.58 -25.12
N ARG A 416 -3.17 32.77 -24.19
CA ARG A 416 -3.02 33.74 -23.11
C ARG A 416 -2.37 33.13 -21.86
N PHE A 417 -2.75 31.90 -21.53
CA PHE A 417 -2.29 31.29 -20.28
C PHE A 417 -0.77 31.07 -20.27
N LEU A 418 -0.23 30.52 -21.36
CA LEU A 418 1.17 30.08 -21.36
C LEU A 418 2.18 31.22 -21.22
N PRO A 419 1.99 32.32 -21.99
CA PRO A 419 2.95 33.43 -21.79
C PRO A 419 2.87 34.04 -20.40
N ALA A 420 1.67 34.07 -19.80
CA ALA A 420 1.55 34.59 -18.44
C ALA A 420 2.20 33.62 -17.44
N PHE A 421 1.90 32.33 -17.57
CA PHE A 421 2.39 31.33 -16.61
C PHE A 421 3.91 31.17 -16.63
N THR A 422 4.49 31.34 -17.82
CA THR A 422 5.91 31.13 -18.04
C THR A 422 6.70 32.44 -18.13
N ALA A 423 6.10 33.57 -17.78
CA ALA A 423 6.79 34.86 -17.97
C ALA A 423 8.12 34.94 -17.23
N SER A 424 8.14 34.44 -16.00
CA SER A 424 9.32 34.51 -15.16
C SER A 424 10.11 33.21 -15.11
N ARG A 425 9.52 32.12 -15.61
CA ARG A 425 10.14 30.81 -15.54
C ARG A 425 9.58 29.84 -16.55
N PRO A 426 10.46 29.17 -17.32
CA PRO A 426 9.96 28.23 -18.31
C PRO A 426 9.31 27.02 -17.63
N SER A 427 8.37 26.40 -18.32
CA SER A 427 7.63 25.24 -17.81
C SER A 427 7.53 24.10 -18.82
N PRO A 428 8.32 23.06 -18.63
CA PRO A 428 8.16 21.92 -19.53
C PRO A 428 6.86 21.14 -19.31
N LEU A 429 6.15 21.45 -18.22
CA LEU A 429 4.88 20.79 -17.89
C LEU A 429 3.86 20.90 -19.03
N PHE A 430 3.86 22.03 -19.75
CA PHE A 430 2.84 22.31 -20.75
C PHE A 430 3.35 22.17 -22.18
N GLY A 431 4.38 21.35 -22.38
CA GLY A 431 4.91 21.12 -23.73
C GLY A 431 3.89 20.82 -24.82
N SER A 432 2.82 20.10 -24.47
CA SER A 432 1.82 19.68 -25.45
C SER A 432 0.92 20.83 -25.94
N PHE A 433 1.02 21.98 -25.28
CA PHE A 433 0.28 23.20 -25.66
C PHE A 433 1.15 24.26 -26.33
N GLU A 434 2.43 23.95 -26.52
CA GLU A 434 3.36 24.86 -27.17
C GLU A 434 3.14 24.89 -28.68
N GLU A 435 3.78 25.86 -29.32
CA GLU A 435 3.70 26.04 -30.77
C GLU A 435 4.11 24.76 -31.49
N LYS A 436 3.21 24.27 -32.33
CA LYS A 436 3.43 23.07 -33.16
C LYS A 436 3.50 21.74 -32.39
N ALA A 437 3.13 21.74 -31.11
CA ALA A 437 3.09 20.48 -30.33
C ALA A 437 2.06 19.52 -30.91
N ALA A 438 2.38 18.22 -30.93
CA ALA A 438 1.53 17.20 -31.55
C ALA A 438 0.53 16.61 -30.54
N ALA B 3 -7.93 -33.33 21.75
CA ALA B 3 -8.54 -33.30 20.40
C ALA B 3 -9.23 -31.96 20.14
N ARG B 4 -8.79 -30.90 20.84
CA ARG B 4 -9.36 -29.58 20.63
C ARG B 4 -8.61 -28.86 19.50
N THR B 5 -9.38 -28.18 18.65
CA THR B 5 -8.79 -27.40 17.58
C THR B 5 -8.17 -26.15 18.15
N GLY B 6 -6.85 -26.04 18.05
CA GLY B 6 -6.16 -24.85 18.51
C GLY B 6 -6.24 -23.75 17.45
N TRP B 7 -6.46 -22.52 17.91
CA TRP B 7 -6.45 -21.33 17.05
C TRP B 7 -5.36 -20.39 17.54
N PHE B 8 -4.52 -19.93 16.61
CA PHE B 8 -3.38 -19.08 16.95
C PHE B 8 -3.23 -17.96 15.94
N SER B 9 -2.42 -16.97 16.29
CA SER B 9 -2.15 -15.83 15.42
C SER B 9 -0.75 -15.32 15.69
N GLU B 10 -0.13 -14.75 14.66
CA GLU B 10 1.07 -13.95 14.83
C GLU B 10 0.75 -12.67 15.59
N THR B 11 1.66 -12.27 16.46
CA THR B 11 1.64 -10.95 17.07
C THR B 11 3.07 -10.50 17.27
N TRP B 12 3.25 -9.30 17.83
CA TRP B 12 4.57 -8.68 17.93
C TRP B 12 4.70 -8.09 19.32
N ARG B 13 5.83 -8.38 19.96
CA ARG B 13 6.21 -7.82 21.26
C ARG B 13 7.18 -6.66 21.06
N GLN B 14 6.84 -5.51 21.65
CA GLN B 14 7.76 -4.38 21.68
C GLN B 14 8.85 -4.62 22.73
N LEU B 15 10.09 -4.80 22.28
CA LEU B 15 11.19 -5.09 23.20
C LEU B 15 11.69 -3.80 23.85
N GLY B 16 11.48 -2.68 23.16
CA GLY B 16 11.93 -1.40 23.62
C GLY B 16 12.68 -0.67 22.54
N ARG B 17 13.42 0.34 22.96
CA ARG B 17 14.21 1.12 22.05
C ARG B 17 15.28 0.21 21.50
N ALA B 18 15.43 0.18 20.17
CA ALA B 18 16.48 -0.64 19.57
C ALA B 18 17.86 -0.09 19.95
N ALA B 19 18.72 -0.98 20.45
CA ALA B 19 20.13 -0.65 20.71
C ALA B 19 20.72 -0.04 19.45
N THR B 20 21.58 0.96 19.63
CA THR B 20 22.14 1.70 18.50
C THR B 20 23.66 1.66 18.50
N ALA B 21 24.22 1.85 17.29
CA ALA B 21 25.65 1.91 17.06
C ALA B 21 25.85 2.69 15.78
N ASP B 22 27.02 3.31 15.62
CA ASP B 22 27.29 4.14 14.44
C ASP B 22 27.96 3.35 13.34
N ARG B 23 28.44 2.16 13.70
CA ARG B 23 29.13 1.26 12.81
C ARG B 23 29.11 -0.13 13.41
N VAL B 24 29.46 -1.12 12.62
CA VAL B 24 29.54 -2.49 13.05
C VAL B 24 31.00 -2.91 12.92
N PRO B 25 31.65 -3.27 14.05
CA PRO B 25 33.08 -3.59 13.98
C PRO B 25 33.34 -4.95 13.36
N GLY B 26 34.54 -5.14 12.84
CA GLY B 26 34.99 -6.46 12.43
C GLY B 26 34.97 -6.73 10.94
N ASN B 27 35.02 -8.01 10.61
N ASN B 27 35.18 -7.99 10.59
CA ASN B 27 35.21 -8.47 9.25
CA ASN B 27 35.21 -8.43 9.19
C ASN B 27 33.98 -9.17 8.70
C ASN B 27 33.91 -9.10 8.85
N TRP B 28 33.06 -8.41 8.10
CA TRP B 28 31.75 -8.96 7.73
C TRP B 28 31.67 -9.28 6.25
N LEU B 29 30.96 -10.36 5.95
CA LEU B 29 30.69 -10.78 4.60
C LEU B 29 29.29 -10.31 4.26
N LEU B 30 29.18 -9.50 3.20
CA LEU B 30 27.90 -8.99 2.70
C LEU B 30 27.48 -9.75 1.44
N LEU B 31 26.27 -10.31 1.47
CA LEU B 31 25.74 -11.15 0.38
C LEU B 31 24.38 -10.66 -0.06
N GLY B 32 24.01 -11.00 -1.28
CA GLY B 32 22.73 -10.57 -1.84
C GLY B 32 22.79 -9.13 -2.26
N GLU B 33 21.76 -8.36 -1.92
CA GLU B 33 21.69 -6.92 -2.21
C GLU B 33 21.61 -6.19 -0.88
N VAL B 34 22.76 -5.80 -0.34
CA VAL B 34 22.76 -5.04 0.90
C VAL B 34 22.66 -3.57 0.51
N PRO B 35 21.65 -2.87 1.05
CA PRO B 35 21.46 -1.52 0.56
C PRO B 35 22.58 -0.57 0.96
N PRO B 36 22.79 0.47 0.15
CA PRO B 36 23.86 1.44 0.34
C PRO B 36 23.90 2.01 1.75
N ALA B 37 22.72 2.33 2.31
CA ALA B 37 22.64 2.83 3.68
C ALA B 37 23.23 1.90 4.74
N LEU B 38 23.23 0.58 4.50
CA LEU B 38 23.77 -0.39 5.45
C LEU B 38 25.22 -0.80 5.17
N GLY B 39 25.61 -0.84 3.90
CA GLY B 39 26.97 -1.23 3.50
C GLY B 39 28.01 -0.33 4.12
N SER B 40 27.63 0.93 4.35
CA SER B 40 28.53 1.93 4.94
C SER B 40 28.80 1.78 6.42
N LEU B 41 28.08 0.89 7.08
CA LEU B 41 28.31 0.57 8.50
C LEU B 41 29.59 -0.26 8.73
N PHE B 42 30.11 -0.85 7.66
CA PHE B 42 31.18 -1.84 7.75
C PHE B 42 32.49 -1.30 7.24
N ASP B 43 33.57 -1.78 7.84
CA ASP B 43 34.93 -1.42 7.45
C ASP B 43 35.48 -2.52 6.55
N ASP B 44 35.71 -2.18 5.29
CA ASP B 44 36.26 -3.11 4.30
C ASP B 44 35.48 -4.43 4.27
N PRO B 45 34.14 -4.35 4.08
CA PRO B 45 33.35 -5.57 4.03
C PRO B 45 33.75 -6.48 2.86
N LEU B 46 33.57 -7.78 3.08
CA LEU B 46 33.85 -8.79 2.09
C LEU B 46 32.64 -9.03 1.19
N THR B 47 32.90 -9.50 -0.02
CA THR B 47 31.83 -9.93 -0.92
C THR B 47 32.05 -11.40 -1.20
N ALA B 48 31.10 -12.06 -1.84
CA ALA B 48 31.26 -13.49 -2.16
C ALA B 48 32.55 -13.70 -2.95
N ALA B 49 32.81 -12.78 -3.87
CA ALA B 49 34.01 -12.84 -4.71
C ALA B 49 35.30 -12.49 -3.97
N SER B 50 35.29 -11.48 -3.09
CA SER B 50 36.52 -11.00 -2.44
C SER B 50 36.94 -11.79 -1.19
N TRP B 51 36.00 -12.54 -0.62
CA TRP B 51 36.25 -13.31 0.59
C TRP B 51 37.33 -14.38 0.40
N ASP B 52 38.37 -14.29 1.23
CA ASP B 52 39.38 -15.34 1.31
C ASP B 52 38.81 -16.41 2.23
N ARG B 53 38.34 -17.51 1.64
CA ARG B 53 37.60 -18.52 2.41
C ARG B 53 38.44 -19.33 3.40
N SER B 54 39.75 -19.13 3.42
CA SER B 54 40.56 -19.63 4.55
C SER B 54 40.24 -18.89 5.86
N THR B 55 39.63 -17.71 5.76
CA THR B 55 39.27 -16.89 6.92
C THR B 55 37.77 -17.02 7.26
N ALA B 56 37.44 -16.81 8.52
CA ALA B 56 36.08 -16.85 9.02
C ALA B 56 35.60 -15.42 9.29
N PRO B 57 34.63 -14.92 8.51
CA PRO B 57 34.04 -13.60 8.80
C PRO B 57 33.42 -13.56 10.19
N ASP B 58 33.45 -12.40 10.82
CA ASP B 58 32.83 -12.20 12.14
C ASP B 58 31.32 -12.27 12.08
N GLY B 59 30.76 -11.98 10.91
CA GLY B 59 29.32 -12.09 10.68
C GLY B 59 29.01 -12.07 9.20
N VAL B 60 27.79 -12.49 8.84
CA VAL B 60 27.31 -12.47 7.45
C VAL B 60 26.02 -11.68 7.43
N LEU B 61 25.93 -10.65 6.57
CA LEU B 61 24.68 -9.91 6.38
C LEU B 61 24.20 -10.18 4.98
N VAL B 62 22.97 -10.70 4.88
CA VAL B 62 22.36 -11.04 3.60
C VAL B 62 21.18 -10.11 3.35
N GLY B 63 21.20 -9.37 2.25
CA GLY B 63 20.07 -8.53 1.86
C GLY B 63 19.24 -9.31 0.85
N ALA B 64 18.02 -9.68 1.23
CA ALA B 64 17.20 -10.56 0.40
C ALA B 64 15.82 -9.95 0.10
N GLY B 65 15.42 -9.99 -1.17
CA GLY B 65 14.08 -9.60 -1.58
C GLY B 65 13.15 -10.77 -1.84
N ALA B 66 13.71 -11.97 -1.97
CA ALA B 66 12.96 -13.18 -2.24
C ALA B 66 13.71 -14.38 -1.68
N ALA B 67 12.99 -15.45 -1.44
CA ALA B 67 13.57 -16.67 -0.85
C ALA B 67 14.85 -17.12 -1.56
N GLU B 68 14.82 -17.10 -2.89
CA GLU B 68 15.95 -17.57 -3.70
C GLU B 68 17.23 -16.81 -3.35
N ASP B 69 17.10 -15.55 -2.95
CA ASP B 69 18.26 -14.72 -2.64
C ASP B 69 18.94 -15.23 -1.37
N LEU B 70 18.12 -15.55 -0.38
CA LEU B 70 18.63 -16.10 0.88
C LEU B 70 19.22 -17.50 0.65
N LEU B 71 18.54 -18.30 -0.16
CA LEU B 71 19.03 -19.63 -0.48
C LEU B 71 20.42 -19.54 -1.10
N ALA B 72 20.62 -18.63 -2.07
CA ALA B 72 21.93 -18.48 -2.72
C ALA B 72 23.03 -18.12 -1.71
N ALA B 73 22.69 -17.23 -0.78
CA ALA B 73 23.63 -16.81 0.27
C ALA B 73 24.03 -17.97 1.17
N LEU B 74 23.07 -18.82 1.54
CA LEU B 74 23.37 -19.98 2.37
C LEU B 74 24.30 -20.95 1.63
N HIS B 75 24.11 -21.09 0.32
CA HIS B 75 25.01 -21.94 -0.46
C HIS B 75 26.44 -21.39 -0.52
N GLU B 76 26.57 -20.07 -0.50
CA GLU B 76 27.89 -19.42 -0.53
C GLU B 76 28.70 -19.76 0.69
N VAL B 77 28.04 -19.90 1.84
CA VAL B 77 28.77 -20.18 3.09
C VAL B 77 28.90 -21.67 3.43
N ALA B 78 28.27 -22.56 2.65
CA ALA B 78 28.23 -23.99 2.97
C ALA B 78 29.62 -24.58 3.14
N GLY B 79 29.81 -25.28 4.25
CA GLY B 79 31.08 -25.96 4.53
C GLY B 79 32.20 -25.06 5.03
N HIS B 80 31.94 -23.76 5.15
CA HIS B 80 32.92 -22.79 5.63
C HIS B 80 32.51 -22.24 6.98
N PRO B 81 33.47 -22.10 7.92
CA PRO B 81 33.17 -21.46 9.18
C PRO B 81 32.90 -19.98 8.99
N THR B 82 31.81 -19.51 9.60
CA THR B 82 31.48 -18.10 9.65
C THR B 82 30.82 -17.75 10.99
N GLY B 83 30.83 -16.46 11.29
CA GLY B 83 30.01 -15.89 12.34
C GLY B 83 28.54 -15.97 11.96
N PRO B 84 27.68 -15.40 12.79
CA PRO B 84 26.24 -15.54 12.60
C PRO B 84 25.76 -14.90 11.30
N VAL B 85 24.76 -15.54 10.69
CA VAL B 85 24.16 -15.10 9.43
C VAL B 85 22.88 -14.37 9.75
N TRP B 86 22.85 -13.08 9.43
CA TRP B 86 21.66 -12.23 9.57
C TRP B 86 21.13 -11.88 8.19
N CYS B 87 19.81 -11.93 8.05
CA CYS B 87 19.16 -11.63 6.80
C CYS B 87 18.24 -10.44 7.02
N VAL B 88 18.45 -9.38 6.25
CA VAL B 88 17.70 -8.16 6.39
C VAL B 88 16.77 -8.01 5.21
N THR B 89 15.53 -7.67 5.52
CA THR B 89 14.47 -7.55 4.56
C THR B 89 13.74 -6.23 4.76
N SER B 90 12.84 -5.91 3.83
CA SER B 90 11.91 -4.81 3.97
C SER B 90 10.55 -5.28 3.44
N ARG B 91 9.49 -4.79 4.06
CA ARG B 91 8.13 -5.19 3.73
C ARG B 91 7.88 -6.69 3.83
N ALA B 92 8.65 -7.40 4.65
CA ALA B 92 8.46 -8.85 4.77
C ALA B 92 7.37 -9.21 5.77
N VAL B 93 7.14 -8.31 6.73
CA VAL B 93 6.17 -8.50 7.79
C VAL B 93 5.44 -7.19 8.03
N GLY B 94 4.28 -7.32 8.66
CA GLY B 94 3.42 -6.21 9.03
C GLY B 94 3.21 -6.27 10.53
N VAL B 95 3.72 -5.28 11.22
CA VAL B 95 3.50 -5.14 12.64
C VAL B 95 2.21 -4.31 12.79
N GLY B 96 1.10 -5.00 13.03
CA GLY B 96 -0.21 -4.36 13.07
C GLY B 96 -0.36 -3.27 14.12
N THR B 97 0.34 -3.43 15.25
CA THR B 97 0.25 -2.46 16.35
C THR B 97 0.69 -1.05 15.92
N VAL B 98 1.62 -0.99 14.97
CA VAL B 98 2.10 0.31 14.44
C VAL B 98 1.49 0.67 13.08
N ASP B 99 0.43 -0.04 12.70
CA ASP B 99 -0.29 0.25 11.45
C ASP B 99 0.62 0.21 10.22
N ASP B 100 1.48 -0.80 10.16
CA ASP B 100 2.35 -0.99 8.99
C ASP B 100 1.57 -1.14 7.70
N PRO B 101 2.18 -0.77 6.56
CA PRO B 101 1.64 -1.26 5.30
C PRO B 101 1.73 -2.79 5.25
N ALA B 102 0.90 -3.42 4.43
CA ALA B 102 0.93 -4.87 4.26
C ALA B 102 2.27 -5.29 3.67
N ALA B 103 2.80 -6.40 4.17
CA ALA B 103 3.99 -7.02 3.62
C ALA B 103 3.90 -7.31 2.11
N ASP B 104 5.05 -7.25 1.43
CA ASP B 104 5.26 -7.65 0.05
C ASP B 104 5.29 -9.19 0.00
N VAL B 105 4.64 -9.79 -1.00
CA VAL B 105 4.48 -11.23 -1.02
C VAL B 105 5.82 -11.94 -1.14
N ARG B 106 6.67 -11.48 -2.06
CA ARG B 106 7.95 -12.20 -2.24
C ARG B 106 8.90 -12.00 -1.06
N ALA B 107 8.91 -10.83 -0.46
CA ALA B 107 9.72 -10.60 0.73
C ALA B 107 9.30 -11.50 1.90
N ALA B 108 7.99 -11.74 2.05
CA ALA B 108 7.49 -12.63 3.09
C ALA B 108 8.08 -14.02 2.97
N GLY B 109 8.31 -14.47 1.75
CA GLY B 109 8.88 -15.80 1.51
C GLY B 109 10.28 -15.96 2.10
N VAL B 110 11.00 -14.85 2.20
CA VAL B 110 12.34 -14.83 2.80
C VAL B 110 12.25 -15.31 4.25
N TRP B 111 11.26 -14.79 4.98
CA TRP B 111 11.07 -15.18 6.39
C TRP B 111 10.63 -16.63 6.52
N GLY B 112 9.81 -17.10 5.59
CA GLY B 112 9.44 -18.52 5.57
C GLY B 112 10.64 -19.45 5.47
N LEU B 113 11.54 -19.15 4.55
CA LEU B 113 12.76 -19.94 4.40
C LEU B 113 13.72 -19.73 5.55
N GLY B 114 13.85 -18.48 6.00
CA GLY B 114 14.78 -18.14 7.08
C GLY B 114 14.48 -18.89 8.36
N ARG B 115 13.20 -19.09 8.66
CA ARG B 115 12.83 -19.90 9.83
C ARG B 115 13.30 -21.35 9.66
N VAL B 116 13.23 -21.89 8.45
CA VAL B 116 13.77 -23.23 8.20
C VAL B 116 15.29 -23.23 8.37
N ALA B 117 15.96 -22.16 7.94
CA ALA B 117 17.41 -22.03 8.14
C ALA B 117 17.75 -22.05 9.62
N GLY B 118 16.93 -21.40 10.45
CA GLY B 118 17.17 -21.46 11.89
C GLY B 118 17.10 -22.85 12.49
N LEU B 119 16.24 -23.70 11.93
CA LEU B 119 16.10 -25.06 12.39
C LEU B 119 17.17 -25.98 11.82
N GLU B 120 17.57 -25.75 10.57
CA GLU B 120 18.61 -26.54 9.90
C GLU B 120 20.06 -26.20 10.24
N LEU B 121 20.36 -24.94 10.45
CA LEU B 121 21.70 -24.49 10.85
C LEU B 121 21.58 -23.62 12.09
N PRO B 122 21.16 -24.24 13.17
CA PRO B 122 20.80 -23.54 14.39
C PRO B 122 21.99 -22.85 15.04
N ASP B 123 23.20 -23.34 14.77
CA ASP B 123 24.37 -22.71 15.39
C ASP B 123 24.93 -21.55 14.57
N ARG B 124 24.77 -21.59 13.25
CA ARG B 124 25.28 -20.54 12.38
C ARG B 124 24.25 -19.43 12.13
N TRP B 125 22.97 -19.77 12.16
CA TRP B 125 21.91 -18.78 11.87
C TRP B 125 21.83 -17.71 12.95
N GLY B 126 21.87 -16.45 12.54
CA GLY B 126 21.67 -15.31 13.41
C GLY B 126 20.19 -15.02 13.57
N GLY B 127 19.61 -14.50 12.50
CA GLY B 127 18.17 -14.24 12.47
C GLY B 127 17.76 -13.38 11.31
N LEU B 128 16.52 -12.91 11.41
CA LEU B 128 15.86 -12.11 10.43
C LEU B 128 15.57 -10.76 11.04
N VAL B 129 15.82 -9.69 10.28
CA VAL B 129 15.50 -8.33 10.71
C VAL B 129 14.84 -7.58 9.55
N ASP B 130 13.61 -7.11 9.77
CA ASP B 130 12.85 -6.36 8.77
C ASP B 130 12.92 -4.86 9.08
N LEU B 131 13.42 -4.10 8.11
CA LEU B 131 13.58 -2.66 8.22
C LEU B 131 12.54 -1.94 7.38
N PRO B 132 12.19 -0.71 7.76
CA PRO B 132 11.44 0.14 6.84
C PRO B 132 12.13 0.21 5.48
N GLU B 133 11.36 0.41 4.42
CA GLU B 133 11.95 0.56 3.09
C GLU B 133 12.93 1.72 3.04
N ARG B 134 12.53 2.86 3.61
CA ARG B 134 13.45 3.99 3.70
C ARG B 134 14.32 3.84 4.93
N ILE B 135 15.62 3.64 4.73
CA ILE B 135 16.53 3.47 5.86
C ILE B 135 17.02 4.84 6.32
N ASP B 136 16.39 5.38 7.35
CA ASP B 136 16.82 6.64 7.92
C ASP B 136 17.98 6.41 8.88
N ASP B 137 18.52 7.50 9.38
CA ASP B 137 19.61 7.45 10.33
C ASP B 137 19.27 6.56 11.54
N ALA B 138 18.09 6.75 12.11
CA ALA B 138 17.62 5.95 13.25
C ALA B 138 17.58 4.44 12.91
N THR B 139 17.09 4.09 11.73
CA THR B 139 17.01 2.69 11.30
C THR B 139 18.41 2.11 11.11
N ARG B 140 19.26 2.87 10.44
CA ARG B 140 20.62 2.47 10.14
C ARG B 140 21.37 2.18 11.45
N ARG B 141 21.20 3.05 12.43
CA ARG B 141 21.82 2.86 13.74
C ARG B 141 21.18 1.71 14.56
N ALA B 142 19.88 1.50 14.40
CA ALA B 142 19.20 0.37 15.07
C ALA B 142 19.68 -0.97 14.49
N LEU B 143 19.86 -1.03 13.16
CA LEU B 143 20.40 -2.24 12.53
C LEU B 143 21.82 -2.52 13.04
N ALA B 144 22.67 -1.49 13.13
CA ALA B 144 24.04 -1.65 13.64
C ALA B 144 24.03 -2.18 15.07
N GLY B 145 23.17 -1.62 15.91
CA GLY B 145 23.01 -2.11 17.28
C GLY B 145 22.56 -3.55 17.41
N THR B 146 21.66 -3.98 16.54
CA THR B 146 21.21 -5.36 16.54
C THR B 146 22.35 -6.34 16.22
N LEU B 147 23.20 -5.98 15.25
CA LEU B 147 24.28 -6.87 14.82
C LEU B 147 25.47 -6.88 15.79
N THR B 148 25.58 -5.81 16.57
CA THR B 148 26.66 -5.69 17.57
C THR B 148 26.22 -6.05 18.98
N ASP B 149 24.92 -6.22 19.20
CA ASP B 149 24.34 -6.45 20.54
C ASP B 149 24.83 -7.77 21.13
N ASP B 156 18.07 -11.77 22.80
CA ASP B 156 18.84 -12.93 23.27
C ASP B 156 18.05 -14.18 22.94
N GLY B 157 18.60 -14.94 22.00
CA GLY B 157 17.79 -15.86 21.24
C GLY B 157 16.81 -15.13 20.33
N GLU B 158 16.58 -13.82 20.53
CA GLU B 158 15.64 -13.08 19.64
C GLU B 158 16.18 -13.03 18.22
N ASP B 159 15.38 -13.54 17.30
CA ASP B 159 15.86 -13.82 15.97
C ASP B 159 14.84 -13.54 14.87
N GLN B 160 13.69 -12.95 15.22
CA GLN B 160 12.67 -12.58 14.25
C GLN B 160 12.23 -11.19 14.63
N LEU B 161 12.92 -10.21 14.05
CA LEU B 161 12.84 -8.84 14.53
C LEU B 161 12.37 -7.88 13.47
N ALA B 162 11.67 -6.82 13.91
CA ALA B 162 11.32 -5.73 13.01
C ALA B 162 11.67 -4.42 13.68
N VAL B 163 12.28 -3.52 12.92
CA VAL B 163 12.59 -2.18 13.42
C VAL B 163 11.50 -1.24 12.92
N ARG B 164 10.90 -0.50 13.83
CA ARG B 164 9.88 0.50 13.49
C ARG B 164 10.07 1.73 14.39
N ASP B 165 10.24 2.90 13.77
N ASP B 165 10.24 2.88 13.75
CA ASP B 165 10.44 4.15 14.50
CA ASP B 165 10.49 4.15 14.43
C ASP B 165 11.51 4.03 15.60
C ASP B 165 11.50 4.03 15.57
N GLY B 166 12.63 3.38 15.28
CA GLY B 166 13.70 3.18 16.24
C GLY B 166 13.43 2.20 17.37
N GLN B 167 12.30 1.52 17.32
CA GLN B 167 11.92 0.53 18.34
C GLN B 167 12.12 -0.83 17.72
N LEU B 168 12.42 -1.81 18.56
CA LEU B 168 12.60 -3.19 18.15
C LEU B 168 11.37 -4.01 18.57
N TRP B 169 10.78 -4.72 17.60
CA TRP B 169 9.61 -5.55 17.82
C TRP B 169 10.01 -6.99 17.51
N ALA B 170 9.51 -7.93 18.30
CA ALA B 170 9.87 -9.33 18.12
C ALA B 170 8.65 -10.19 17.87
N ARG B 171 8.81 -11.14 16.96
CA ARG B 171 7.67 -11.95 16.54
C ARG B 171 7.27 -12.99 17.59
N ARG B 172 5.96 -13.17 17.73
CA ARG B 172 5.36 -14.09 18.70
C ARG B 172 4.19 -14.82 18.06
N LEU B 173 3.95 -16.04 18.54
CA LEU B 173 2.76 -16.82 18.18
C LEU B 173 1.97 -16.94 19.47
N VAL B 174 0.68 -16.61 19.41
CA VAL B 174 -0.19 -16.66 20.59
C VAL B 174 -1.55 -17.26 20.26
N THR B 175 -2.27 -17.72 21.27
N THR B 175 -2.27 -17.70 21.29
CA THR B 175 -3.60 -18.23 21.04
CA THR B 175 -3.62 -18.19 21.11
C THR B 175 -4.57 -17.09 20.71
C THR B 175 -4.56 -17.04 20.71
N THR B 176 -5.59 -17.39 19.92
N THR B 176 -5.62 -17.39 19.99
CA THR B 176 -6.73 -16.51 19.73
CA THR B 176 -6.71 -16.47 19.67
C THR B 176 -8.00 -17.29 20.00
C THR B 176 -8.00 -17.26 19.88
N PRO B 177 -9.11 -16.57 20.23
CA PRO B 177 -10.37 -17.30 20.29
C PRO B 177 -10.75 -17.89 18.92
N ALA B 178 -11.51 -18.97 18.94
CA ALA B 178 -12.10 -19.52 17.72
C ALA B 178 -13.32 -18.70 17.34
N PRO B 179 -13.40 -18.23 16.08
CA PRO B 179 -14.60 -17.50 15.66
C PRO B 179 -15.90 -18.30 15.90
N GLN B 180 -16.97 -17.62 16.30
CA GLN B 180 -18.25 -18.27 16.41
C GLN B 180 -19.09 -17.60 15.36
N THR B 181 -19.48 -18.38 14.34
CA THR B 181 -19.97 -17.79 13.09
C THR B 181 -21.20 -18.51 12.61
N GLY B 182 -21.82 -17.94 11.58
CA GLY B 182 -22.81 -18.67 10.80
C GLY B 182 -22.22 -19.62 9.77
N THR B 183 -23.11 -20.21 8.97
CA THR B 183 -22.77 -21.25 8.00
C THR B 183 -22.22 -20.64 6.72
N TRP B 184 -21.15 -21.22 6.17
CA TRP B 184 -20.62 -20.76 4.89
C TRP B 184 -21.54 -21.21 3.75
N THR B 185 -21.94 -20.24 2.92
CA THR B 185 -22.94 -20.45 1.88
C THR B 185 -22.43 -19.84 0.57
N PRO B 186 -21.40 -20.45 -0.03
CA PRO B 186 -20.86 -19.86 -1.26
C PRO B 186 -21.85 -19.97 -2.40
N LYS B 187 -21.90 -18.94 -3.25
CA LYS B 187 -22.86 -18.92 -4.35
C LYS B 187 -22.13 -18.88 -5.69
N GLY B 188 -22.85 -19.18 -6.75
CA GLY B 188 -22.26 -19.11 -8.09
C GLY B 188 -21.28 -20.24 -8.34
N THR B 189 -20.26 -19.91 -9.12
CA THR B 189 -19.21 -20.86 -9.47
C THR B 189 -18.13 -20.83 -8.40
N VAL B 190 -17.84 -22.02 -7.87
CA VAL B 190 -16.83 -22.22 -6.85
C VAL B 190 -15.69 -23.00 -7.49
N LEU B 191 -14.51 -22.38 -7.54
CA LEU B 191 -13.33 -22.96 -8.16
C LEU B 191 -12.42 -23.44 -7.05
N ILE B 192 -12.10 -24.73 -7.04
CA ILE B 192 -11.22 -25.30 -6.02
C ILE B 192 -9.96 -25.80 -6.73
N THR B 193 -8.87 -25.08 -6.57
CA THR B 193 -7.60 -25.55 -7.14
C THR B 193 -7.04 -26.65 -6.28
N GLY B 194 -6.31 -27.59 -6.88
CA GLY B 194 -6.01 -28.85 -6.19
C GLY B 194 -7.26 -29.60 -5.79
N GLY B 195 -8.33 -29.42 -6.57
CA GLY B 195 -9.67 -29.85 -6.17
C GLY B 195 -9.90 -31.36 -6.14
N THR B 196 -9.10 -32.09 -6.91
CA THR B 196 -9.12 -33.55 -6.90
C THR B 196 -8.13 -34.14 -5.88
N GLY B 197 -7.36 -33.30 -5.19
CA GLY B 197 -6.53 -33.79 -4.08
C GLY B 197 -7.31 -34.09 -2.81
N GLY B 198 -6.61 -34.41 -1.73
CA GLY B 198 -7.26 -34.80 -0.45
C GLY B 198 -8.15 -33.71 0.13
N LEU B 199 -7.54 -32.60 0.50
CA LEU B 199 -8.27 -31.53 1.16
C LEU B 199 -9.28 -30.86 0.22
N GLY B 200 -8.87 -30.66 -1.03
CA GLY B 200 -9.76 -30.04 -2.02
C GLY B 200 -11.05 -30.84 -2.18
N GLY B 201 -10.92 -32.16 -2.17
CA GLY B 201 -12.06 -33.04 -2.24
C GLY B 201 -12.99 -32.90 -1.05
N HIS B 202 -12.42 -32.71 0.14
CA HIS B 202 -13.24 -32.53 1.34
C HIS B 202 -14.00 -31.23 1.26
N VAL B 203 -13.29 -30.18 0.83
CA VAL B 203 -13.92 -28.87 0.64
C VAL B 203 -15.04 -28.96 -0.38
N ALA B 204 -14.81 -29.69 -1.47
CA ALA B 204 -15.85 -29.87 -2.50
C ALA B 204 -17.10 -30.56 -1.96
N ARG B 205 -16.91 -31.61 -1.15
CA ARG B 205 -18.03 -32.30 -0.50
C ARG B 205 -18.81 -31.34 0.39
N ARG B 206 -18.09 -30.53 1.16
CA ARG B 206 -18.74 -29.61 2.07
C ARG B 206 -19.59 -28.60 1.30
N VAL B 207 -19.04 -28.06 0.22
CA VAL B 207 -19.78 -27.11 -0.60
C VAL B 207 -21.03 -27.76 -1.18
N ALA B 208 -20.87 -28.98 -1.70
CA ALA B 208 -21.98 -29.75 -2.25
C ALA B 208 -23.10 -29.93 -1.24
N GLU B 209 -22.73 -30.34 -0.03
CA GLU B 209 -23.66 -30.57 1.08
C GLU B 209 -24.55 -29.36 1.32
N GLN B 210 -23.94 -28.20 1.24
CA GLN B 210 -24.62 -26.96 1.59
C GLN B 210 -25.70 -26.59 0.56
N GLY B 211 -25.44 -26.91 -0.70
CA GLY B 211 -26.39 -26.69 -1.78
C GLY B 211 -26.59 -25.25 -2.21
N SER B 212 -25.71 -24.35 -1.77
CA SER B 212 -25.81 -22.93 -2.11
C SER B 212 -25.13 -22.57 -3.42
N ALA B 213 -24.17 -23.35 -3.88
CA ALA B 213 -23.40 -22.98 -5.08
C ALA B 213 -24.10 -23.45 -6.37
N ASP B 214 -23.85 -22.75 -7.47
CA ASP B 214 -24.41 -23.12 -8.77
C ASP B 214 -23.60 -24.24 -9.42
N ARG B 215 -22.28 -24.15 -9.31
CA ARG B 215 -21.41 -25.19 -9.80
C ARG B 215 -20.07 -25.23 -9.10
N ILE B 216 -19.51 -26.42 -9.07
CA ILE B 216 -18.24 -26.65 -8.42
C ILE B 216 -17.24 -27.12 -9.50
N LEU B 217 -16.10 -26.42 -9.61
CA LEU B 217 -15.05 -26.81 -10.57
C LEU B 217 -13.82 -27.26 -9.79
N LEU B 218 -13.41 -28.50 -9.99
CA LEU B 218 -12.22 -29.06 -9.36
C LEU B 218 -11.08 -28.93 -10.34
N LEU B 219 -10.06 -28.18 -9.98
CA LEU B 219 -8.97 -27.90 -10.92
C LEU B 219 -7.68 -28.55 -10.43
N SER B 220 -6.98 -29.23 -11.34
CA SER B 220 -5.70 -29.85 -11.05
C SER B 220 -5.07 -30.21 -12.38
N ARG B 221 -3.80 -30.59 -12.36
CA ARG B 221 -3.15 -30.94 -13.61
C ARG B 221 -3.76 -32.23 -14.18
N GLN B 222 -4.15 -33.17 -13.31
CA GLN B 222 -4.71 -34.43 -13.80
C GLN B 222 -6.18 -34.30 -14.16
N GLY B 223 -6.87 -33.32 -13.56
CA GLY B 223 -8.30 -33.15 -13.82
C GLY B 223 -9.09 -34.43 -13.58
N SER B 224 -9.96 -34.80 -14.52
CA SER B 224 -10.81 -35.97 -14.34
C SER B 224 -10.04 -37.30 -14.33
N ALA B 225 -8.78 -37.26 -14.72
CA ALA B 225 -7.89 -38.45 -14.70
C ALA B 225 -7.22 -38.71 -13.34
N ALA B 226 -7.48 -37.87 -12.35
CA ALA B 226 -6.86 -38.03 -11.05
C ALA B 226 -7.42 -39.25 -10.34
N PRO B 227 -6.54 -39.99 -9.64
CA PRO B 227 -7.10 -41.13 -8.94
C PRO B 227 -8.26 -40.70 -8.05
N GLY B 228 -9.35 -41.46 -8.07
CA GLY B 228 -10.49 -41.19 -7.19
C GLY B 228 -11.44 -40.08 -7.65
N ALA B 229 -11.13 -39.43 -8.76
CA ALA B 229 -11.92 -38.29 -9.23
C ALA B 229 -13.33 -38.73 -9.62
N THR B 230 -13.46 -39.92 -10.21
CA THR B 230 -14.79 -40.40 -10.60
C THR B 230 -15.71 -40.54 -9.38
N GLU B 231 -15.23 -41.16 -8.31
CA GLU B 231 -16.03 -41.35 -7.11
C GLU B 231 -16.25 -40.04 -6.34
N LEU B 232 -15.24 -39.16 -6.39
CA LEU B 232 -15.36 -37.84 -5.81
C LEU B 232 -16.49 -37.07 -6.50
N LEU B 233 -16.46 -37.04 -7.83
CA LEU B 233 -17.48 -36.32 -8.59
C LEU B 233 -18.86 -36.95 -8.37
N GLU B 234 -18.93 -38.28 -8.33
CA GLU B 234 -20.19 -38.97 -8.07
C GLU B 234 -20.77 -38.57 -6.72
N GLY B 235 -19.91 -38.50 -5.71
CA GLY B 235 -20.36 -38.12 -4.38
C GLY B 235 -20.87 -36.69 -4.31
N ILE B 236 -20.19 -35.79 -5.01
CA ILE B 236 -20.59 -34.38 -5.08
C ILE B 236 -21.95 -34.26 -5.79
N ARG B 237 -22.08 -34.92 -6.92
CA ARG B 237 -23.33 -34.90 -7.69
C ARG B 237 -24.51 -35.56 -6.97
N ALA B 238 -24.19 -36.47 -6.04
CA ALA B 238 -25.23 -37.11 -5.19
C ALA B 238 -25.99 -36.10 -4.31
N PHE B 239 -25.41 -34.93 -4.08
CA PHE B 239 -26.11 -33.86 -3.36
C PHE B 239 -26.88 -32.94 -4.28
N GLY B 240 -26.93 -33.30 -5.57
CA GLY B 240 -27.62 -32.49 -6.58
C GLY B 240 -26.79 -31.33 -7.13
N ALA B 241 -25.50 -31.31 -6.78
CA ALA B 241 -24.60 -30.28 -7.29
C ALA B 241 -24.20 -30.56 -8.73
N THR B 242 -23.90 -29.49 -9.46
CA THR B 242 -23.28 -29.56 -10.76
C THR B 242 -21.76 -29.45 -10.53
N ALA B 243 -21.00 -30.42 -11.00
CA ALA B 243 -19.56 -30.46 -10.74
C ALA B 243 -18.79 -31.02 -11.94
N GLU B 244 -17.58 -30.53 -12.15
CA GLU B 244 -16.68 -31.16 -13.12
C GLU B 244 -15.25 -30.96 -12.64
N ALA B 245 -14.35 -31.74 -13.20
CA ALA B 245 -12.93 -31.55 -12.98
C ALA B 245 -12.33 -31.08 -14.29
N VAL B 246 -11.47 -30.07 -14.20
CA VAL B 246 -10.77 -29.54 -15.34
C VAL B 246 -9.25 -29.81 -15.15
N ALA B 247 -8.58 -30.16 -16.23
CA ALA B 247 -7.14 -30.41 -16.24
C ALA B 247 -6.42 -29.15 -16.67
N VAL B 248 -5.97 -28.41 -15.68
CA VAL B 248 -5.36 -27.11 -15.88
C VAL B 248 -4.22 -26.90 -14.87
N ASP B 249 -3.12 -26.38 -15.38
CA ASP B 249 -1.97 -25.97 -14.54
C ASP B 249 -2.30 -24.58 -14.01
N VAL B 250 -2.38 -24.46 -12.68
CA VAL B 250 -2.78 -23.21 -12.02
C VAL B 250 -1.76 -22.08 -12.23
N THR B 251 -0.56 -22.41 -12.70
CA THR B 251 0.46 -21.42 -13.01
C THR B 251 0.43 -20.96 -14.46
N ASP B 252 -0.42 -21.58 -15.29
CA ASP B 252 -0.43 -21.31 -16.74
C ASP B 252 -1.39 -20.16 -17.05
N ARG B 253 -0.82 -18.98 -17.32
CA ARG B 253 -1.64 -17.79 -17.54
C ARG B 253 -2.67 -17.99 -18.67
N ALA B 254 -2.23 -18.53 -19.80
CA ALA B 254 -3.15 -18.71 -20.94
C ALA B 254 -4.30 -19.67 -20.61
N ALA B 255 -3.98 -20.78 -19.96
CA ALA B 255 -4.97 -21.80 -19.58
C ALA B 255 -5.93 -21.27 -18.53
N MET B 256 -5.39 -20.57 -17.54
CA MET B 256 -6.21 -19.99 -16.47
C MET B 256 -7.11 -18.87 -16.97
N SER B 257 -6.55 -17.95 -17.76
N SER B 257 -6.55 -17.95 -17.76
CA SER B 257 -7.34 -16.85 -18.30
CA SER B 257 -7.33 -16.85 -18.32
C SER B 257 -8.43 -17.36 -19.24
C SER B 257 -8.43 -17.37 -19.22
N GLY B 258 -8.10 -18.37 -20.04
CA GLY B 258 -9.08 -19.03 -20.91
C GLY B 258 -10.28 -19.59 -20.16
N LEU B 259 -9.99 -20.34 -19.09
CA LEU B 259 -11.04 -20.93 -18.27
C LEU B 259 -11.91 -19.85 -17.64
N ILE B 260 -11.28 -18.88 -17.00
CA ILE B 260 -12.01 -17.82 -16.29
C ILE B 260 -12.87 -16.99 -17.28
N ASP B 261 -12.31 -16.69 -18.44
CA ASP B 261 -13.04 -15.93 -19.47
C ASP B 261 -14.24 -16.71 -19.98
N ALA B 262 -14.03 -17.99 -20.25
CA ALA B 262 -15.12 -18.87 -20.72
C ALA B 262 -16.25 -18.99 -19.71
N LEU B 263 -15.91 -19.11 -18.43
CA LEU B 263 -16.94 -19.15 -17.40
C LEU B 263 -17.71 -17.84 -17.34
N ALA B 264 -17.02 -16.72 -17.46
CA ALA B 264 -17.67 -15.41 -17.44
C ALA B 264 -18.61 -15.28 -18.66
N ALA B 265 -18.12 -15.76 -19.80
CA ALA B 265 -18.87 -15.67 -21.07
C ALA B 265 -20.17 -16.48 -21.05
N GLU B 266 -20.17 -17.61 -20.36
CA GLU B 266 -21.41 -18.41 -20.21
C GLU B 266 -22.29 -17.99 -19.03
N GLY B 267 -21.97 -16.84 -18.42
CA GLY B 267 -22.77 -16.28 -17.33
C GLY B 267 -22.61 -17.03 -16.01
N ALA B 268 -21.47 -17.70 -15.87
CA ALA B 268 -21.17 -18.43 -14.62
C ALA B 268 -19.77 -18.08 -14.11
N PRO B 269 -19.49 -16.77 -13.94
CA PRO B 269 -18.15 -16.37 -13.52
C PRO B 269 -17.76 -16.93 -12.16
N VAL B 270 -16.48 -17.15 -11.96
CA VAL B 270 -15.98 -17.60 -10.65
C VAL B 270 -16.36 -16.57 -9.60
N ARG B 271 -16.97 -17.03 -8.51
CA ARG B 271 -17.34 -16.16 -7.41
C ARG B 271 -16.59 -16.49 -6.14
N THR B 272 -16.12 -17.73 -5.99
CA THR B 272 -15.33 -18.13 -4.81
C THR B 272 -14.15 -18.96 -5.32
N VAL B 273 -12.97 -18.72 -4.75
CA VAL B 273 -11.79 -19.53 -4.99
C VAL B 273 -11.34 -20.15 -3.67
N VAL B 274 -11.09 -21.46 -3.68
CA VAL B 274 -10.34 -22.10 -2.59
C VAL B 274 -9.09 -22.65 -3.24
N HIS B 275 -7.93 -22.13 -2.84
CA HIS B 275 -6.66 -22.49 -3.48
C HIS B 275 -5.93 -23.56 -2.63
N ALA B 276 -6.08 -24.82 -3.01
CA ALA B 276 -5.42 -25.94 -2.35
C ALA B 276 -4.34 -26.55 -3.21
N ALA B 277 -4.08 -26.02 -4.41
CA ALA B 277 -2.96 -26.52 -5.21
C ALA B 277 -1.63 -26.33 -4.51
N GLY B 278 -0.81 -27.37 -4.55
CA GLY B 278 0.53 -27.31 -3.96
C GLY B 278 1.18 -28.67 -3.95
N VAL B 279 2.47 -28.65 -3.66
CA VAL B 279 3.27 -29.88 -3.52
C VAL B 279 4.15 -29.70 -2.28
N VAL B 280 4.67 -30.81 -1.76
CA VAL B 280 5.64 -30.77 -0.65
C VAL B 280 6.71 -31.79 -0.91
N ARG B 281 7.94 -31.40 -0.62
CA ARG B 281 9.10 -32.26 -0.75
C ARG B 281 9.92 -32.13 0.53
N ASP B 282 10.69 -33.17 0.86
CA ASP B 282 11.53 -33.18 2.05
C ASP B 282 12.97 -33.16 1.58
N VAL B 283 13.52 -31.95 1.48
CA VAL B 283 14.86 -31.73 0.94
C VAL B 283 15.55 -30.68 1.82
N ARG B 284 16.73 -31.00 2.31
CA ARG B 284 17.48 -30.04 3.15
C ARG B 284 17.86 -28.78 2.32
N ILE B 285 18.03 -27.64 2.99
CA ILE B 285 18.55 -26.44 2.34
C ILE B 285 19.82 -26.77 1.58
N ALA B 286 20.67 -27.59 2.19
CA ALA B 286 21.97 -27.86 1.60
C ALA B 286 21.84 -28.47 0.21
N GLU B 287 20.73 -29.19 -0.04
CA GLU B 287 20.53 -29.82 -1.33
C GLU B 287 19.41 -29.25 -2.17
N THR B 288 18.92 -28.07 -1.80
CA THR B 288 17.86 -27.40 -2.55
C THR B 288 18.47 -26.35 -3.46
N GLY B 289 18.41 -26.58 -4.77
CA GLY B 289 18.85 -25.58 -5.72
C GLY B 289 17.78 -24.55 -6.05
N ALA B 290 18.19 -23.47 -6.72
CA ALA B 290 17.26 -22.38 -7.07
C ALA B 290 16.11 -22.89 -7.92
N GLU B 291 16.45 -23.74 -8.90
CA GLU B 291 15.43 -24.25 -9.81
C GLU B 291 14.40 -25.10 -9.05
N GLU B 292 14.89 -25.93 -8.14
CA GLU B 292 13.96 -26.76 -7.35
C GLU B 292 13.15 -25.94 -6.36
N LEU B 293 13.77 -24.90 -5.79
CA LEU B 293 13.00 -24.00 -4.90
C LEU B 293 11.86 -23.38 -5.68
N ALA B 294 12.12 -22.95 -6.91
CA ALA B 294 11.07 -22.37 -7.73
C ALA B 294 9.96 -23.38 -7.97
N ALA B 295 10.32 -24.64 -8.26
CA ALA B 295 9.32 -25.66 -8.53
C ALA B 295 8.51 -25.96 -7.30
N GLN B 296 9.16 -25.90 -6.14
CA GLN B 296 8.44 -26.17 -4.89
C GLN B 296 7.43 -25.08 -4.57
N MET B 297 7.72 -23.87 -5.03
CA MET B 297 6.89 -22.71 -4.72
C MET B 297 5.83 -22.40 -5.78
N ALA B 298 5.98 -22.98 -6.97
CA ALA B 298 5.22 -22.55 -8.16
C ALA B 298 3.70 -22.61 -8.04
N ALA B 299 3.15 -23.79 -7.80
CA ALA B 299 1.67 -23.93 -7.80
C ALA B 299 1.08 -23.07 -6.70
N LYS B 300 1.73 -23.09 -5.54
CA LYS B 300 1.20 -22.43 -4.39
C LYS B 300 1.24 -20.93 -4.60
N VAL B 301 2.41 -20.40 -4.93
CA VAL B 301 2.65 -18.95 -4.96
C VAL B 301 2.28 -18.35 -6.30
N GLU B 302 2.87 -18.86 -7.38
CA GLU B 302 2.53 -18.29 -8.71
C GLU B 302 1.05 -18.49 -9.05
N GLY B 303 0.50 -19.64 -8.64
CA GLY B 303 -0.91 -19.94 -8.79
C GLY B 303 -1.76 -18.91 -8.06
N ALA B 304 -1.43 -18.64 -6.80
CA ALA B 304 -2.22 -17.70 -6.01
C ALA B 304 -2.14 -16.29 -6.58
N LEU B 305 -0.94 -15.87 -7.02
CA LEU B 305 -0.76 -14.54 -7.60
C LEU B 305 -1.56 -14.39 -8.89
N LEU B 306 -1.59 -15.44 -9.70
CA LEU B 306 -2.36 -15.41 -10.95
C LEU B 306 -3.84 -15.35 -10.68
N LEU B 307 -4.33 -16.16 -9.73
CA LEU B 307 -5.73 -16.10 -9.31
C LEU B 307 -6.13 -14.70 -8.82
N ASP B 308 -5.30 -14.12 -7.94
CA ASP B 308 -5.54 -12.77 -7.42
C ASP B 308 -5.67 -11.76 -8.54
N GLU B 309 -4.80 -11.85 -9.51
CA GLU B 309 -4.76 -10.91 -10.64
C GLU B 309 -5.97 -11.06 -11.56
N LEU B 310 -6.32 -12.31 -11.85
CA LEU B 310 -7.38 -12.60 -12.83
C LEU B 310 -8.80 -12.49 -12.27
N LEU B 311 -8.92 -12.54 -10.95
CA LEU B 311 -10.21 -12.49 -10.26
C LEU B 311 -10.21 -11.39 -9.18
N PRO B 312 -10.31 -10.12 -9.62
CA PRO B 312 -10.38 -9.00 -8.68
C PRO B 312 -11.68 -8.92 -7.87
N ASP B 313 -12.75 -9.55 -8.34
CA ASP B 313 -14.07 -9.45 -7.73
C ASP B 313 -14.51 -10.85 -7.35
N LEU B 314 -14.34 -11.19 -6.08
CA LEU B 314 -14.78 -12.47 -5.53
C LEU B 314 -15.48 -12.31 -4.18
N ASP B 315 -16.45 -13.19 -3.94
CA ASP B 315 -17.12 -13.29 -2.64
C ASP B 315 -16.14 -13.78 -1.59
N ASP B 316 -15.23 -14.69 -1.99
CA ASP B 316 -14.25 -15.27 -1.07
C ASP B 316 -13.03 -15.76 -1.84
N PHE B 317 -11.87 -15.61 -1.21
CA PHE B 317 -10.56 -16.01 -1.76
C PHE B 317 -9.84 -16.68 -0.61
N VAL B 318 -9.86 -18.00 -0.61
CA VAL B 318 -9.44 -18.81 0.54
C VAL B 318 -8.16 -19.54 0.16
N LEU B 319 -7.11 -19.27 0.91
CA LEU B 319 -5.80 -19.91 0.66
C LEU B 319 -5.52 -20.97 1.71
N PHE B 320 -5.12 -22.17 1.27
CA PHE B 320 -4.75 -23.25 2.20
C PHE B 320 -3.24 -23.18 2.45
N SER B 321 -2.86 -22.57 3.56
CA SER B 321 -1.46 -22.46 3.95
C SER B 321 -1.12 -23.54 4.99
N SER B 322 0.00 -23.37 5.71
CA SER B 322 0.50 -24.42 6.61
C SER B 322 1.28 -23.80 7.73
N ILE B 323 1.24 -24.47 8.88
CA ILE B 323 2.14 -24.17 9.98
C ILE B 323 3.63 -24.10 9.55
N SER B 324 3.99 -24.78 8.47
CA SER B 324 5.36 -24.70 7.97
C SER B 324 5.81 -23.24 7.71
N GLY B 325 4.90 -22.44 7.17
CA GLY B 325 5.16 -21.03 6.90
C GLY B 325 4.99 -20.11 8.09
N ILE B 326 4.51 -20.65 9.20
CA ILE B 326 4.34 -19.88 10.45
C ILE B 326 5.58 -20.03 11.36
N TRP B 327 6.07 -21.25 11.56
CA TRP B 327 7.22 -21.46 12.45
C TRP B 327 8.37 -22.24 11.86
N GLY B 328 8.17 -22.89 10.71
CA GLY B 328 9.25 -23.62 10.04
C GLY B 328 9.36 -25.08 10.43
N ALA B 329 9.90 -25.87 9.51
CA ALA B 329 10.18 -27.28 9.78
C ALA B 329 11.38 -27.67 8.94
N ALA B 330 12.28 -28.47 9.51
CA ALA B 330 13.43 -28.98 8.75
C ALA B 330 12.97 -29.75 7.52
N GLY B 331 13.66 -29.52 6.41
CA GLY B 331 13.32 -30.18 5.17
C GLY B 331 12.33 -29.47 4.30
N GLN B 332 11.78 -28.36 4.81
CA GLN B 332 10.65 -27.71 4.15
C GLN B 332 10.95 -26.28 3.64
N ALA B 333 12.21 -25.99 3.34
CA ALA B 333 12.60 -24.68 2.80
C ALA B 333 11.57 -24.06 1.85
N GLY B 334 11.32 -24.70 0.71
CA GLY B 334 10.45 -24.13 -0.31
C GLY B 334 8.97 -24.18 0.06
N TYR B 335 8.60 -25.23 0.78
CA TYR B 335 7.22 -25.38 1.26
C TYR B 335 6.89 -24.24 2.22
N ALA B 336 7.78 -24.04 3.19
CA ALA B 336 7.61 -22.95 4.14
C ALA B 336 7.59 -21.58 3.48
N ALA B 337 8.50 -21.35 2.55
CA ALA B 337 8.56 -20.10 1.85
C ALA B 337 7.25 -19.82 1.11
N GLY B 338 6.74 -20.81 0.40
CA GLY B 338 5.48 -20.67 -0.35
C GLY B 338 4.28 -20.40 0.54
N ASN B 339 4.20 -21.10 1.67
CA ASN B 339 3.10 -20.86 2.61
C ASN B 339 3.16 -19.48 3.23
N ALA B 340 4.37 -19.00 3.55
CA ALA B 340 4.55 -17.64 4.07
C ALA B 340 4.10 -16.59 3.03
N CYS B 341 4.36 -16.87 1.76
CA CYS B 341 3.89 -16.00 0.68
C CYS B 341 2.35 -15.94 0.65
N LEU B 342 1.66 -17.07 0.82
CA LEU B 342 0.20 -17.05 0.79
C LEU B 342 -0.35 -16.18 1.88
N ASP B 343 0.24 -16.27 3.08
CA ASP B 343 -0.24 -15.46 4.19
C ASP B 343 -0.13 -13.97 3.88
N ALA B 344 0.96 -13.56 3.25
CA ALA B 344 1.17 -12.18 2.85
C ALA B 344 0.20 -11.76 1.74
N LEU B 345 -0.08 -12.66 0.80
CA LEU B 345 -1.02 -12.35 -0.28
C LEU B 345 -2.40 -12.05 0.30
N ALA B 346 -2.86 -12.83 1.26
CA ALA B 346 -4.19 -12.58 1.85
C ALA B 346 -4.25 -11.19 2.45
N ARG B 347 -3.18 -10.83 3.17
CA ARG B 347 -3.08 -9.51 3.79
C ARG B 347 -3.09 -8.39 2.74
N ARG B 348 -2.34 -8.60 1.66
CA ARG B 348 -2.27 -7.63 0.59
C ARG B 348 -3.65 -7.44 -0.02
N ARG B 349 -4.35 -8.53 -0.25
CA ARG B 349 -5.64 -8.48 -0.92
C ARG B 349 -6.67 -7.73 -0.05
N ARG B 350 -6.66 -7.98 1.26
CA ARG B 350 -7.53 -7.25 2.20
C ARG B 350 -7.21 -5.75 2.23
N GLU B 351 -5.93 -5.40 2.11
CA GLU B 351 -5.48 -4.01 2.04
C GLU B 351 -6.05 -3.30 0.80
N GLN B 352 -6.28 -4.07 -0.26
CA GLN B 352 -6.93 -3.58 -1.47
C GLN B 352 -8.46 -3.56 -1.40
N GLY B 353 -9.04 -3.88 -0.24
CA GLY B 353 -10.47 -3.85 -0.02
C GLY B 353 -11.27 -5.05 -0.49
N LYS B 354 -10.56 -6.18 -0.66
CA LYS B 354 -11.14 -7.42 -1.17
C LYS B 354 -11.09 -8.48 -0.09
N ARG B 355 -12.04 -9.41 -0.11
CA ARG B 355 -12.04 -10.51 0.87
C ARG B 355 -10.91 -11.51 0.56
N ALA B 356 -10.24 -11.96 1.64
CA ALA B 356 -9.21 -12.99 1.51
C ALA B 356 -8.92 -13.56 2.89
N VAL B 357 -8.68 -14.86 2.96
CA VAL B 357 -8.20 -15.46 4.17
C VAL B 357 -7.23 -16.56 3.83
N SER B 358 -6.12 -16.62 4.56
CA SER B 358 -5.16 -17.68 4.46
C SER B 358 -5.19 -18.44 5.78
N VAL B 359 -5.53 -19.71 5.74
CA VAL B 359 -5.55 -20.55 6.93
C VAL B 359 -4.26 -21.37 6.97
N ALA B 360 -3.46 -21.20 8.01
CA ALA B 360 -2.22 -21.95 8.16
C ALA B 360 -2.55 -23.20 8.94
N TRP B 361 -2.78 -24.28 8.21
CA TRP B 361 -3.23 -25.52 8.81
C TRP B 361 -2.10 -26.33 9.42
N GLY B 362 -2.38 -26.94 10.58
CA GLY B 362 -1.66 -28.13 11.00
C GLY B 362 -2.05 -29.35 10.18
N PRO B 363 -1.46 -30.50 10.46
CA PRO B 363 -1.82 -31.71 9.72
C PRO B 363 -3.29 -32.07 9.81
N TRP B 364 -3.81 -32.59 8.68
CA TRP B 364 -5.12 -33.18 8.57
C TRP B 364 -5.00 -34.69 8.53
N ALA B 365 -5.97 -35.36 9.18
CA ALA B 365 -6.13 -36.80 9.05
C ALA B 365 -6.60 -37.13 7.65
N GLY B 366 -6.38 -38.36 7.22
CA GLY B 366 -6.95 -38.86 5.95
C GLY B 366 -6.03 -38.70 4.76
N GLY B 367 -6.63 -38.65 3.57
CA GLY B 367 -5.89 -38.48 2.34
C GLY B 367 -5.18 -37.14 2.16
N GLY B 368 -4.33 -37.10 1.16
CA GLY B 368 -3.56 -35.92 0.82
C GLY B 368 -2.07 -36.11 1.07
N MET B 369 -1.41 -35.04 1.45
CA MET B 369 0.07 -35.01 1.59
C MET B 369 0.76 -35.88 2.60
N LEU B 370 0.10 -36.18 3.70
CA LEU B 370 0.82 -36.76 4.84
C LEU B 370 0.81 -38.27 4.85
N THR B 371 1.98 -38.87 5.05
CA THR B 371 2.10 -40.32 5.14
C THR B 371 2.00 -40.77 6.59
N GLU B 372 1.81 -42.06 6.78
CA GLU B 372 1.84 -42.64 8.12
C GLU B 372 3.17 -42.32 8.82
N HIS B 373 4.28 -42.34 8.08
CA HIS B 373 5.57 -41.88 8.62
C HIS B 373 5.48 -40.47 9.17
N ASP B 374 5.00 -39.54 8.35
CA ASP B 374 4.87 -38.13 8.71
C ASP B 374 4.03 -37.99 9.97
N GLU B 375 2.95 -38.75 10.06
CA GLU B 375 2.06 -38.70 11.22
C GLU B 375 2.77 -39.13 12.51
N ARG B 376 3.51 -40.23 12.43
CA ARG B 376 4.25 -40.74 13.59
C ARG B 376 5.27 -39.71 14.06
N GLU B 377 5.97 -39.09 13.13
CA GLU B 377 6.95 -38.06 13.48
C GLU B 377 6.33 -36.77 14.00
N LEU B 378 5.25 -36.32 13.37
CA LEU B 378 4.48 -35.17 13.86
C LEU B 378 3.98 -35.38 15.29
N ARG B 379 3.52 -36.59 15.60
CA ARG B 379 3.05 -36.94 16.94
C ARG B 379 4.16 -36.81 17.99
N LYS B 380 5.35 -37.29 17.65
CA LYS B 380 6.49 -37.20 18.56
C LYS B 380 6.87 -35.74 18.78
N ARG B 381 6.54 -34.89 17.82
CA ARG B 381 6.79 -33.46 17.92
C ARG B 381 5.56 -32.66 18.32
N GLY B 382 4.54 -33.33 18.87
CA GLY B 382 3.40 -32.66 19.51
C GLY B 382 2.28 -32.19 18.61
N LEU B 383 2.22 -32.72 17.39
CA LEU B 383 1.17 -32.34 16.44
C LEU B 383 0.28 -33.55 16.14
N THR B 384 -1.02 -33.38 16.33
CA THR B 384 -2.00 -34.45 16.07
C THR B 384 -2.84 -34.05 14.86
N PRO B 385 -3.04 -34.98 13.90
CA PRO B 385 -3.85 -34.61 12.74
C PRO B 385 -5.26 -34.24 13.13
N LEU B 386 -5.79 -33.18 12.50
CA LEU B 386 -7.17 -32.77 12.70
C LEU B 386 -8.09 -33.79 12.02
N LEU B 387 -9.16 -34.24 12.69
CA LEU B 387 -10.23 -34.97 12.01
C LEU B 387 -10.87 -34.08 10.96
N VAL B 388 -11.28 -34.66 9.85
CA VAL B 388 -11.74 -33.87 8.73
C VAL B 388 -12.95 -33.02 9.10
N PRO B 389 -13.95 -33.60 9.82
CA PRO B 389 -15.07 -32.70 10.18
C PRO B 389 -14.64 -31.48 11.01
N ALA B 390 -13.73 -31.68 11.94
CA ALA B 390 -13.19 -30.60 12.76
C ALA B 390 -12.48 -29.55 11.90
N ALA B 391 -11.65 -30.01 10.96
CA ALA B 391 -10.94 -29.10 10.07
C ALA B 391 -11.93 -28.32 9.19
N LEU B 392 -12.93 -29.01 8.65
CA LEU B 392 -13.91 -28.31 7.81
C LEU B 392 -14.73 -27.29 8.59
N GLN B 393 -15.07 -27.62 9.83
N GLN B 393 -15.09 -27.60 9.83
CA GLN B 393 -15.73 -26.66 10.72
CA GLN B 393 -15.76 -26.60 10.68
C GLN B 393 -14.87 -25.40 10.90
C GLN B 393 -14.86 -25.37 10.88
N ALA B 394 -13.59 -25.60 11.14
CA ALA B 394 -12.63 -24.51 11.35
C ALA B 394 -12.49 -23.66 10.09
N MET B 395 -12.54 -24.32 8.94
CA MET B 395 -12.47 -23.62 7.68
C MET B 395 -13.63 -22.63 7.59
N GLU B 396 -14.85 -23.09 7.90
N GLU B 396 -14.84 -23.12 7.88
CA GLU B 396 -16.00 -22.22 7.81
CA GLU B 396 -16.03 -22.29 7.87
C GLU B 396 -15.91 -21.08 8.82
C GLU B 396 -15.85 -21.09 8.79
N GLN B 397 -15.39 -21.38 10.00
CA GLN B 397 -15.16 -20.32 11.00
C GLN B 397 -14.20 -19.26 10.49
N ALA B 398 -13.14 -19.69 9.81
CA ALA B 398 -12.14 -18.78 9.30
C ALA B 398 -12.69 -17.87 8.22
N ILE B 399 -13.49 -18.45 7.34
CA ILE B 399 -14.05 -17.74 6.20
C ILE B 399 -15.09 -16.73 6.67
N MET B 400 -15.91 -17.14 7.63
CA MET B 400 -17.09 -16.38 8.07
C MET B 400 -16.82 -15.46 9.22
N SER B 401 -15.58 -15.46 9.71
CA SER B 401 -15.21 -14.69 10.89
C SER B 401 -15.54 -13.22 10.68
N ASP B 402 -16.14 -12.60 11.70
CA ASP B 402 -16.62 -11.22 11.58
C ASP B 402 -15.51 -10.18 11.42
N ARG B 403 -14.31 -10.52 11.88
CA ARG B 403 -13.15 -9.66 11.68
C ARG B 403 -12.06 -10.38 10.90
N ALA B 404 -11.32 -9.57 10.16
CA ALA B 404 -10.33 -10.05 9.22
C ALA B 404 -9.08 -10.45 9.98
N GLY B 405 -8.43 -11.52 9.50
CA GLY B 405 -7.15 -11.97 10.05
C GLY B 405 -6.70 -13.26 9.41
N ASP B 406 -5.47 -13.68 9.68
CA ASP B 406 -5.07 -14.99 9.17
C ASP B 406 -4.77 -15.91 10.33
N PRO B 407 -5.60 -16.93 10.47
CA PRO B 407 -5.55 -17.85 11.57
C PRO B 407 -4.61 -19.01 11.29
N VAL B 408 -4.02 -19.50 12.36
CA VAL B 408 -3.27 -20.74 12.38
C VAL B 408 -4.15 -21.73 13.14
N VAL B 409 -4.43 -22.89 12.53
CA VAL B 409 -5.40 -23.83 13.07
C VAL B 409 -4.73 -25.18 13.10
N ALA B 410 -4.52 -25.70 14.31
CA ALA B 410 -3.74 -26.91 14.51
C ALA B 410 -3.99 -27.52 15.88
N ASP B 411 -3.79 -28.83 15.99
CA ASP B 411 -3.90 -29.54 17.28
C ASP B 411 -2.49 -29.75 17.81
N VAL B 412 -2.08 -28.86 18.71
CA VAL B 412 -0.73 -28.85 19.25
C VAL B 412 -0.75 -29.24 20.72
N THR B 413 0.17 -30.13 21.08
CA THR B 413 0.44 -30.46 22.50
C THR B 413 1.77 -29.79 22.85
N TRP B 414 1.67 -28.63 23.48
CA TRP B 414 2.84 -27.76 23.66
C TRP B 414 3.96 -28.38 24.53
N SER B 415 3.59 -29.19 25.52
CA SER B 415 4.59 -29.87 26.35
C SER B 415 5.52 -30.82 25.58
N ARG B 416 5.06 -31.34 24.45
CA ARG B 416 5.86 -32.19 23.59
C ARG B 416 6.45 -31.39 22.43
N PHE B 417 5.68 -30.46 21.88
CA PHE B 417 6.16 -29.69 20.72
C PHE B 417 7.39 -28.85 21.08
N LEU B 418 7.34 -28.17 22.22
CA LEU B 418 8.38 -27.17 22.53
C LEU B 418 9.77 -27.75 22.74
N PRO B 419 9.91 -28.79 23.56
CA PRO B 419 11.25 -29.41 23.70
C PRO B 419 11.85 -29.90 22.38
N ALA B 420 11.01 -30.46 21.50
CA ALA B 420 11.45 -30.94 20.20
C ALA B 420 11.89 -29.77 19.31
N PHE B 421 11.07 -28.73 19.26
CA PHE B 421 11.34 -27.56 18.42
C PHE B 421 12.63 -26.82 18.82
N THR B 422 12.89 -26.80 20.13
CA THR B 422 14.01 -26.07 20.69
C THR B 422 15.19 -27.01 21.06
N ALA B 423 15.26 -28.19 20.47
CA ALA B 423 16.35 -29.16 20.77
C ALA B 423 17.75 -28.55 20.60
N SER B 424 17.90 -27.68 19.61
CA SER B 424 19.19 -27.03 19.30
C SER B 424 19.26 -25.54 19.55
N ARG B 425 18.13 -24.88 19.62
CA ARG B 425 18.10 -23.46 19.56
C ARG B 425 16.86 -22.97 20.28
N PRO B 426 16.97 -21.92 21.09
CA PRO B 426 15.78 -21.38 21.73
C PRO B 426 14.82 -20.76 20.74
N SER B 427 13.56 -20.63 21.15
CA SER B 427 12.54 -20.00 20.32
C SER B 427 11.66 -19.08 21.14
N PRO B 428 12.03 -17.78 21.18
CA PRO B 428 11.19 -16.81 21.87
C PRO B 428 9.84 -16.63 21.21
N LEU B 429 9.73 -17.04 19.94
CA LEU B 429 8.43 -17.09 19.26
C LEU B 429 7.30 -17.70 20.12
N PHE B 430 7.62 -18.78 20.83
CA PHE B 430 6.65 -19.57 21.55
C PHE B 430 6.64 -19.31 23.05
N GLY B 431 7.12 -18.13 23.46
CA GLY B 431 7.19 -17.78 24.87
C GLY B 431 5.91 -18.02 25.65
N SER B 432 4.77 -17.72 25.02
CA SER B 432 3.47 -17.87 25.69
C SER B 432 3.05 -19.31 25.94
N PHE B 433 3.77 -20.28 25.39
CA PHE B 433 3.44 -21.69 25.60
C PHE B 433 4.38 -22.41 26.55
N GLU B 434 5.35 -21.70 27.08
CA GLU B 434 6.30 -22.29 28.03
C GLU B 434 5.59 -22.61 29.33
N GLU B 435 6.18 -23.51 30.11
CA GLU B 435 5.69 -23.79 31.47
C GLU B 435 5.50 -22.49 32.24
N LYS B 436 4.34 -22.40 32.89
CA LYS B 436 3.95 -21.26 33.73
C LYS B 436 3.67 -19.96 32.98
N ALA B 437 3.70 -19.97 31.66
CA ALA B 437 3.34 -18.77 30.89
C ALA B 437 1.86 -18.39 31.14
N ALA B 438 1.58 -17.09 31.18
CA ALA B 438 0.23 -16.57 31.42
C ALA B 438 -0.52 -16.32 30.10
#